data_9QZ2
#
_entry.id   9QZ2
#
_cell.length_a   52.470
_cell.length_b   117.910
_cell.length_c   76.110
_cell.angle_alpha   90.000
_cell.angle_beta   108.130
_cell.angle_gamma   90.000
#
_symmetry.space_group_name_H-M   'P 1 21 1'
#
loop_
_entity.id
_entity.type
_entity.pdbx_description
1 polymer 'Multiple inositol polyphosphate phosphatase 1'
2 non-polymer 'PHOSPHATE ION'
3 water water
#
_entity_poly.entity_id   1
_entity_poly.type   'polypeptide(L)'
_entity_poly.pdbx_seq_one_letter_code
;MGSSHHHHHHSSGLVPRGSHMQTKIQKYAGTAMPYPNRTDSSITFRDGMTPFYINHLGR(NEP)GARFPTSRKALDKVEK
VLVSAQQENGLTSEGMALLSMIRRLSRLFDGQWGKLSKLGETEQEGIAGRMIRNYPQLFSNSAKIEAIATYVPRSINSMD
AFLSCMIRHNPALQVQRSEGKQYNHILRFFDLNKSYVNYKEKGDWLPIYKAFVHKKISPVPIMKKFLLNPEQYLDKEAEE
FVMALFSVAAILPDTSIPLNLEDLFTLDEWHRYWQTQNLRQYMSKSSAPVGKMLPVAIAWPLLSEFIRSAQEVISGKSDY
QANFRFAHDNTVIPFVSLMGIEKTDVQVCRPDSVSVYWKDYEISPMAANVQWLFYRDRDQRIWVKILLNEEAAALPISTA
CFPYYSWEKTRIFFNQRIEMAKKTLSVFNE
;
_entity_poly.pdbx_strand_id   A,B
#
loop_
_chem_comp.id
_chem_comp.type
_chem_comp.name
_chem_comp.formula
PO4 non-polymer 'PHOSPHATE ION' 'O4 P -3'
#
# COMPACT_ATOMS: atom_id res chain seq x y z
N GLN A 22 4.93 7.20 14.07
CA GLN A 22 3.78 7.60 13.26
C GLN A 22 2.47 7.02 13.79
N THR A 23 1.93 7.65 14.83
CA THR A 23 0.80 7.11 15.56
C THR A 23 -0.49 7.15 14.74
N LYS A 24 -1.41 6.23 15.08
CA LYS A 24 -2.74 6.25 14.46
C LYS A 24 -3.48 7.53 14.77
N ILE A 25 -3.26 8.13 15.94
CA ILE A 25 -3.99 9.36 16.24
C ILE A 25 -3.54 10.49 15.31
N GLN A 26 -2.26 10.49 14.90
CA GLN A 26 -1.75 11.59 14.08
C GLN A 26 -2.32 11.55 12.67
N LYS A 27 -2.41 10.35 12.07
CA LYS A 27 -2.92 10.25 10.72
C LYS A 27 -4.39 10.66 10.66
N TYR A 28 -5.12 10.53 11.76
CA TYR A 28 -6.52 10.91 11.77
C TYR A 28 -6.71 12.42 11.70
N ALA A 29 -5.63 13.18 11.87
CA ALA A 29 -5.69 14.60 11.54
C ALA A 29 -5.76 14.85 10.04
N GLY A 30 -5.50 13.85 9.20
CA GLY A 30 -5.74 14.01 7.77
C GLY A 30 -4.75 15.00 7.15
N THR A 31 -5.28 15.99 6.43
CA THR A 31 -4.37 16.95 5.81
C THR A 31 -3.82 17.97 6.80
N ALA A 32 -4.33 17.96 8.04
CA ALA A 32 -3.74 18.67 9.15
C ALA A 32 -2.65 17.85 9.86
N MET A 33 -2.39 16.61 9.45
CA MET A 33 -1.27 15.87 10.03
C MET A 33 0.07 16.57 9.78
N PRO A 34 0.93 16.70 10.80
CA PRO A 34 2.27 17.25 10.57
C PRO A 34 3.07 16.36 9.63
N TYR A 35 4.01 16.98 8.90
CA TYR A 35 4.86 16.23 7.99
C TYR A 35 5.50 15.05 8.72
N PRO A 36 5.50 13.86 8.13
CA PRO A 36 5.95 12.66 8.85
C PRO A 36 7.46 12.65 9.01
N ASN A 37 7.91 11.79 9.93
CA ASN A 37 9.33 11.69 10.23
C ASN A 37 10.06 11.04 9.06
N ARG A 38 11.19 11.65 8.66
CA ARG A 38 11.96 11.24 7.50
C ARG A 38 13.47 11.23 7.80
N THR A 39 13.85 11.10 9.06
CA THR A 39 15.24 11.22 9.51
C THR A 39 16.27 10.46 8.65
N MET A 49 22.53 7.49 -8.83
CA MET A 49 23.61 8.22 -8.15
C MET A 49 23.22 9.67 -7.84
N THR A 50 23.73 10.64 -8.62
CA THR A 50 23.42 12.03 -8.36
C THR A 50 22.58 12.62 -9.50
N PRO A 51 21.43 13.22 -9.21
CA PRO A 51 20.62 13.83 -10.26
C PRO A 51 21.25 15.11 -10.79
N PHE A 52 20.81 15.49 -11.99
CA PHE A 52 21.25 16.77 -12.56
C PHE A 52 20.16 17.83 -12.46
N TYR A 53 18.97 17.48 -11.98
CA TYR A 53 17.87 18.44 -11.89
C TYR A 53 16.79 17.91 -10.96
N ILE A 54 16.20 18.82 -10.16
CA ILE A 54 15.06 18.51 -9.32
C ILE A 54 13.93 19.48 -9.63
N ASN A 55 12.74 18.92 -9.84
CA ASN A 55 11.49 19.64 -10.08
C ASN A 55 10.58 19.36 -8.90
N HIS A 56 10.14 20.41 -8.23
CA HIS A 56 9.55 20.30 -6.91
C HIS A 56 8.24 21.08 -6.87
N LEU A 57 7.30 20.53 -6.11
CA LEU A 57 6.13 21.27 -5.65
C LEU A 57 5.95 20.93 -4.18
N GLY A 58 5.83 21.92 -3.34
CA GLY A 58 5.64 21.70 -1.91
C GLY A 58 4.48 22.49 -1.36
N ARG A 59 3.65 21.83 -0.56
CA ARG A 59 2.67 22.56 0.20
C ARG A 59 3.40 23.38 1.27
N NEP A 60 2.80 24.50 1.68
CA NEP A 60 3.21 25.25 2.85
C NEP A 60 3.33 24.29 4.05
O NEP A 60 2.66 23.28 4.19
CB NEP A 60 2.23 26.40 3.20
CG NEP A 60 0.86 25.93 3.51
ND1 NEP A 60 0.56 25.31 4.73
CD2 NEP A 60 -0.33 25.99 2.72
CE1 NEP A 60 -0.75 24.99 4.68
NE2 NEP A 60 -1.38 25.36 3.47
P NEP A 60 -2.93 25.15 3.03
O1P NEP A 60 -3.08 24.23 1.75
O2P NEP A 60 -3.44 26.48 2.26
O3P NEP A 60 -3.77 24.61 4.10
N GLY A 61 4.25 24.63 4.96
CA GLY A 61 4.39 23.85 6.18
C GLY A 61 3.24 24.03 7.15
N ALA A 62 3.31 23.29 8.27
CA ALA A 62 2.31 23.38 9.34
C ALA A 62 2.02 24.83 9.70
N ARG A 63 0.73 25.14 9.88
CA ARG A 63 0.24 26.50 10.03
C ARG A 63 -0.82 26.56 11.12
N PHE A 64 -1.09 27.79 11.56
CA PHE A 64 -2.23 28.08 12.42
C PHE A 64 -3.54 27.84 11.65
N PRO A 65 -4.64 27.60 12.35
CA PRO A 65 -5.95 27.58 11.67
C PRO A 65 -6.19 28.87 10.91
N THR A 66 -6.95 28.76 9.81
CA THR A 66 -7.22 29.92 8.98
C THR A 66 -8.48 30.67 9.38
N SER A 67 -9.38 30.02 10.11
CA SER A 67 -10.67 30.60 10.44
C SER A 67 -11.01 30.33 11.89
N ARG A 68 -11.65 31.30 12.53
CA ARG A 68 -12.09 31.16 13.91
C ARG A 68 -13.52 30.62 14.02
N LYS A 69 -14.12 30.22 12.90
CA LYS A 69 -15.51 29.78 12.90
C LYS A 69 -15.72 28.59 13.84
N ALA A 70 -14.84 27.58 13.75
CA ALA A 70 -14.99 26.40 14.59
C ALA A 70 -14.82 26.77 16.06
N LEU A 71 -13.75 27.50 16.38
CA LEU A 71 -13.53 27.94 17.75
C LEU A 71 -14.75 28.71 18.28
N ASP A 72 -15.27 29.65 17.50
CA ASP A 72 -16.42 30.43 17.93
C ASP A 72 -17.65 29.55 18.17
N LYS A 73 -17.87 28.57 17.28
CA LYS A 73 -18.99 27.65 17.43
C LYS A 73 -18.92 26.90 18.76
N VAL A 74 -17.74 26.38 19.10
CA VAL A 74 -17.57 25.67 20.36
C VAL A 74 -17.81 26.62 21.53
N GLU A 75 -17.26 27.83 21.46
CA GLU A 75 -17.41 28.75 22.57
C GLU A 75 -18.87 29.12 22.78
N LYS A 76 -19.60 29.34 21.69
CA LYS A 76 -20.99 29.79 21.81
C LYS A 76 -21.86 28.70 22.43
N VAL A 77 -21.63 27.44 22.08
CA VAL A 77 -22.42 26.35 22.65
C VAL A 77 -22.14 26.21 24.15
N LEU A 78 -20.87 26.24 24.54
CA LEU A 78 -20.51 26.10 25.96
C LEU A 78 -20.99 27.27 26.81
N VAL A 79 -21.02 28.49 26.26
CA VAL A 79 -21.51 29.63 27.03
C VAL A 79 -23.02 29.59 27.16
N SER A 80 -23.73 29.21 26.11
CA SER A 80 -25.18 29.01 26.22
C SER A 80 -25.51 27.91 27.23
N ALA A 81 -24.71 26.85 27.27
CA ALA A 81 -25.01 25.77 28.21
C ALA A 81 -24.70 26.20 29.64
N GLN A 82 -23.70 27.06 29.82
CA GLN A 82 -23.35 27.54 31.14
C GLN A 82 -24.45 28.39 31.75
N GLN A 83 -25.30 29.01 30.93
CA GLN A 83 -26.39 29.82 31.45
C GLN A 83 -27.68 29.04 31.64
N GLU A 84 -27.79 27.87 31.01
CA GLU A 84 -28.81 26.90 31.36
C GLU A 84 -28.31 25.90 32.41
N ASN A 85 -27.15 26.18 33.01
CA ASN A 85 -26.45 25.25 33.90
C ASN A 85 -26.40 23.84 33.30
N GLY A 86 -25.93 23.78 32.05
CA GLY A 86 -25.80 22.54 31.31
C GLY A 86 -24.38 22.07 31.12
N LEU A 87 -23.41 22.63 31.84
CA LEU A 87 -22.01 22.23 31.68
C LEU A 87 -21.65 21.19 32.72
N THR A 88 -20.82 20.22 32.31
CA THR A 88 -20.16 19.39 33.31
C THR A 88 -18.90 20.09 33.80
N SER A 89 -18.22 19.47 34.77
CA SER A 89 -16.91 19.98 35.17
C SER A 89 -15.93 19.98 33.99
N GLU A 90 -15.94 18.92 33.18
CA GLU A 90 -15.09 18.90 31.99
C GLU A 90 -15.53 19.95 30.98
N GLY A 91 -16.82 20.23 30.89
CA GLY A 91 -17.28 21.28 30.00
C GLY A 91 -16.78 22.65 30.42
N MET A 92 -16.73 22.90 31.73
CA MET A 92 -16.19 24.16 32.24
C MET A 92 -14.70 24.27 31.94
N ALA A 93 -13.95 23.18 32.15
CA ALA A 93 -12.54 23.19 31.81
C ALA A 93 -12.34 23.35 30.31
N LEU A 94 -13.19 22.71 29.52
CA LEU A 94 -13.13 22.88 28.08
C LEU A 94 -13.34 24.35 27.69
N LEU A 95 -14.37 24.99 28.26
CA LEU A 95 -14.65 26.39 27.94
C LEU A 95 -13.47 27.30 28.28
N SER A 96 -12.84 27.09 29.45
CA SER A 96 -11.66 27.88 29.78
C SER A 96 -10.54 27.64 28.77
N MET A 97 -10.40 26.39 28.31
CA MET A 97 -9.37 26.07 27.33
C MET A 97 -9.67 26.70 25.97
N ILE A 98 -10.94 26.70 25.55
CA ILE A 98 -11.31 27.33 24.30
C ILE A 98 -11.04 28.84 24.36
N ARG A 99 -11.41 29.47 25.48
CA ARG A 99 -11.16 30.90 25.61
C ARG A 99 -9.66 31.19 25.52
N ARG A 100 -8.83 30.35 26.15
CA ARG A 100 -7.38 30.53 26.08
C ARG A 100 -6.88 30.41 24.65
N LEU A 101 -7.32 29.37 23.92
CA LEU A 101 -6.88 29.21 22.53
C LEU A 101 -7.24 30.43 21.70
N SER A 102 -8.45 30.95 21.88
CA SER A 102 -8.89 32.16 21.19
C SER A 102 -7.91 33.31 21.41
N ARG A 103 -7.46 33.51 22.66
CA ARG A 103 -6.48 34.56 22.93
C ARG A 103 -5.13 34.24 22.30
N LEU A 104 -4.73 32.97 22.30
CA LEU A 104 -3.43 32.60 21.74
C LEU A 104 -3.44 32.66 20.22
N PHE A 105 -4.59 32.42 19.58
CA PHE A 105 -4.66 32.44 18.13
C PHE A 105 -4.75 33.87 17.59
N ASP A 106 -5.22 34.82 18.39
CA ASP A 106 -5.44 36.20 17.96
C ASP A 106 -4.22 36.76 17.24
N GLY A 107 -4.45 37.25 16.02
CA GLY A 107 -3.38 37.78 15.18
C GLY A 107 -2.49 36.75 14.52
N GLN A 108 -2.79 35.47 14.69
CA GLN A 108 -1.96 34.40 14.15
C GLN A 108 -2.64 33.60 13.05
N TRP A 109 -3.90 33.89 12.76
CA TRP A 109 -4.69 33.03 11.88
C TRP A 109 -3.96 32.84 10.56
N GLY A 110 -3.80 31.57 10.15
CA GLY A 110 -3.22 31.26 8.88
C GLY A 110 -1.71 31.42 8.76
N LYS A 111 -1.03 31.84 9.81
CA LYS A 111 0.42 32.01 9.73
C LYS A 111 1.11 30.66 9.78
N LEU A 112 2.24 30.57 9.06
CA LEU A 112 3.14 29.44 9.21
C LEU A 112 3.66 29.38 10.66
N SER A 113 3.66 28.20 11.26
CA SER A 113 4.11 28.10 12.64
C SER A 113 5.61 27.77 12.67
N LYS A 114 6.18 27.75 13.88
CA LYS A 114 7.57 27.35 14.00
C LYS A 114 7.79 25.92 13.52
N LEU A 115 6.84 25.03 13.80
CA LEU A 115 6.93 23.68 13.27
C LEU A 115 6.99 23.70 11.75
N GLY A 116 6.10 24.48 11.13
CA GLY A 116 6.12 24.59 9.67
C GLY A 116 7.46 25.04 9.14
N GLU A 117 8.10 26.00 9.81
CA GLU A 117 9.44 26.43 9.41
C GLU A 117 10.43 25.29 9.51
N THR A 118 10.42 24.55 10.63
CA THR A 118 11.40 23.48 10.77
C THR A 118 11.11 22.34 9.80
N GLU A 119 9.84 22.10 9.47
CA GLU A 119 9.52 21.12 8.43
C GLU A 119 10.21 21.48 7.11
N GLN A 120 10.10 22.74 6.67
CA GLN A 120 10.77 23.13 5.43
C GLN A 120 12.28 22.95 5.53
N GLU A 121 12.86 23.30 6.69
CA GLU A 121 14.29 23.14 6.89
C GLU A 121 14.69 21.68 6.83
N GLY A 122 13.84 20.79 7.34
CA GLY A 122 14.11 19.36 7.23
C GLY A 122 14.11 18.88 5.79
N ILE A 123 13.13 19.33 5.00
CA ILE A 123 13.04 18.88 3.60
C ILE A 123 14.21 19.43 2.79
N ALA A 124 14.49 20.72 2.92
CA ALA A 124 15.64 21.30 2.23
C ALA A 124 16.93 20.60 2.65
N GLY A 125 17.09 20.40 3.97
CA GLY A 125 18.33 19.86 4.49
C GLY A 125 18.62 18.43 4.06
N ARG A 126 17.59 17.60 3.95
CA ARG A 126 17.83 16.27 3.44
C ARG A 126 18.17 16.29 1.95
N MET A 127 17.51 17.17 1.19
CA MET A 127 17.84 17.37 -0.22
C MET A 127 19.32 17.63 -0.44
N ILE A 128 19.86 18.66 0.23
CA ILE A 128 21.24 19.05 -0.06
C ILE A 128 22.21 18.05 0.52
N ARG A 129 21.87 17.42 1.65
CA ARG A 129 22.69 16.33 2.19
C ARG A 129 22.68 15.11 1.28
N ASN A 130 21.51 14.77 0.72
CA ASN A 130 21.42 13.62 -0.17
C ASN A 130 22.09 13.88 -1.52
N TYR A 131 22.07 15.12 -2.02
CA TYR A 131 22.59 15.41 -3.36
C TYR A 131 23.46 16.66 -3.32
N PRO A 132 24.58 16.60 -2.62
CA PRO A 132 25.43 17.80 -2.53
C PRO A 132 26.02 18.21 -3.87
N GLN A 133 26.32 17.27 -4.75
CA GLN A 133 26.91 17.62 -6.04
C GLN A 133 25.97 18.49 -6.87
N LEU A 134 24.67 18.21 -6.82
CA LEU A 134 23.69 19.03 -7.53
C LEU A 134 23.72 20.47 -7.07
N PHE A 135 23.83 20.69 -5.76
CA PHE A 135 23.79 22.03 -5.19
C PHE A 135 25.18 22.54 -4.85
N SER A 136 26.20 22.03 -5.52
CA SER A 136 27.56 22.42 -5.19
C SER A 136 27.94 23.66 -6.01
N ASN A 137 29.18 24.11 -5.82
CA ASN A 137 29.79 25.15 -6.67
C ASN A 137 28.80 26.30 -6.82
N SER A 138 28.52 26.76 -8.03
CA SER A 138 27.59 27.89 -8.15
C SER A 138 26.30 27.46 -8.84
N ALA A 139 25.65 26.44 -8.29
CA ALA A 139 24.40 25.96 -8.87
C ALA A 139 23.34 27.06 -8.80
N LYS A 140 22.39 26.98 -9.74
CA LYS A 140 21.30 27.95 -9.86
C LYS A 140 19.98 27.30 -9.49
N ILE A 141 19.25 27.91 -8.56
CA ILE A 141 17.92 27.41 -8.23
C ILE A 141 16.91 28.55 -8.40
N GLU A 142 15.68 28.17 -8.71
CA GLU A 142 14.55 29.10 -8.76
C GLU A 142 13.44 28.61 -7.86
N ALA A 143 12.82 29.53 -7.13
CA ALA A 143 11.67 29.21 -6.29
C ALA A 143 10.55 30.19 -6.57
N ILE A 144 9.31 29.69 -6.57
CA ILE A 144 8.13 30.53 -6.69
C ILE A 144 7.15 30.17 -5.58
N ALA A 145 6.26 31.10 -5.26
CA ALA A 145 5.25 30.88 -4.25
C ALA A 145 3.98 31.63 -4.66
N THR A 146 2.85 31.25 -4.06
CA THR A 146 1.64 32.06 -4.26
C THR A 146 1.79 33.37 -3.50
N TYR A 147 0.74 34.20 -3.54
CA TYR A 147 0.71 35.45 -2.79
C TYR A 147 0.39 35.25 -1.31
N VAL A 148 0.00 34.04 -0.89
CA VAL A 148 -0.43 33.81 0.49
C VAL A 148 0.79 33.83 1.41
N PRO A 149 0.78 34.58 2.53
CA PRO A 149 2.00 34.73 3.34
C PRO A 149 2.62 33.42 3.81
N ARG A 150 1.81 32.44 4.24
CA ARG A 150 2.40 31.19 4.71
C ARG A 150 3.15 30.47 3.59
N SER A 151 2.72 30.66 2.35
CA SER A 151 3.44 30.04 1.25
C SER A 151 4.77 30.75 1.01
N ILE A 152 4.78 32.07 1.16
CA ILE A 152 6.03 32.83 1.01
C ILE A 152 6.99 32.50 2.15
N ASN A 153 6.49 32.54 3.39
CA ASN A 153 7.30 32.14 4.54
C ASN A 153 7.82 30.72 4.43
N SER A 154 7.03 29.77 3.88
CA SER A 154 7.56 28.42 3.69
C SER A 154 8.69 28.43 2.68
N MET A 155 8.52 29.17 1.58
CA MET A 155 9.56 29.22 0.57
C MET A 155 10.83 29.82 1.17
N ASP A 156 10.68 30.85 2.02
CA ASP A 156 11.86 31.46 2.64
C ASP A 156 12.51 30.55 3.68
N ALA A 157 11.73 29.80 4.46
CA ALA A 157 12.32 28.81 5.36
C ALA A 157 13.19 27.83 4.57
N PHE A 158 12.62 27.28 3.49
CA PHE A 158 13.34 26.36 2.62
C PHE A 158 14.59 27.00 2.02
N LEU A 159 14.44 28.18 1.42
CA LEU A 159 15.59 28.82 0.75
C LEU A 159 16.68 29.18 1.75
N SER A 160 16.31 29.64 2.95
CA SER A 160 17.33 30.00 3.94
C SER A 160 18.15 28.78 4.37
N CYS A 161 17.51 27.62 4.46
CA CYS A 161 18.29 26.41 4.73
C CYS A 161 19.27 26.14 3.59
N MET A 162 18.80 26.28 2.35
CA MET A 162 19.65 26.04 1.17
C MET A 162 20.88 26.95 1.18
N ILE A 163 20.64 28.25 1.30
CA ILE A 163 21.73 29.22 1.25
C ILE A 163 22.69 29.03 2.41
N ARG A 164 22.18 28.69 3.60
CA ARG A 164 23.09 28.47 4.72
C ARG A 164 24.06 27.33 4.43
N HIS A 165 23.57 26.23 3.84
CA HIS A 165 24.46 25.12 3.51
C HIS A 165 25.38 25.45 2.34
N ASN A 166 24.93 26.27 1.39
CA ASN A 166 25.82 26.75 0.32
C ASN A 166 25.52 28.20 -0.05
N PRO A 167 26.23 29.16 0.55
CA PRO A 167 26.02 30.57 0.19
C PRO A 167 26.37 30.90 -1.25
N ALA A 168 27.09 30.02 -1.95
CA ALA A 168 27.47 30.28 -3.33
C ALA A 168 26.38 29.90 -4.33
N LEU A 169 25.20 29.49 -3.87
CA LEU A 169 24.08 29.26 -4.76
C LEU A 169 23.62 30.57 -5.41
N GLN A 170 23.10 30.44 -6.63
CA GLN A 170 22.43 31.54 -7.31
C GLN A 170 20.94 31.30 -7.19
N VAL A 171 20.19 32.29 -6.72
CA VAL A 171 18.81 32.06 -6.34
C VAL A 171 17.92 33.11 -6.99
N GLN A 172 16.90 32.66 -7.71
CA GLN A 172 15.80 33.52 -8.12
C GLN A 172 14.58 33.22 -7.25
N ARG A 173 14.02 34.27 -6.66
CA ARG A 173 12.92 34.19 -5.71
C ARG A 173 11.80 35.09 -6.20
N SER A 174 10.64 34.52 -6.49
CA SER A 174 9.48 35.33 -6.84
C SER A 174 8.20 34.70 -6.31
N GLU A 175 7.14 35.48 -6.31
CA GLU A 175 5.87 35.05 -5.77
C GLU A 175 4.76 35.99 -6.19
N GLY A 176 3.52 35.50 -6.08
CA GLY A 176 2.36 36.36 -6.19
C GLY A 176 1.35 35.84 -7.19
N LYS A 177 0.43 36.74 -7.56
CA LYS A 177 -0.73 36.34 -8.33
C LYS A 177 -0.38 36.03 -9.78
N GLN A 178 0.82 36.43 -10.24
CA GLN A 178 1.25 36.01 -11.57
C GLN A 178 1.30 34.48 -11.71
N TYR A 179 1.36 33.74 -10.61
CA TYR A 179 1.42 32.29 -10.69
C TYR A 179 0.07 31.67 -10.37
N ASN A 180 -1.00 32.47 -10.35
CA ASN A 180 -2.33 31.92 -10.11
C ASN A 180 -2.69 30.80 -11.07
N HIS A 181 -2.24 30.90 -12.32
CA HIS A 181 -2.70 29.95 -13.31
CA HIS A 181 -2.67 29.96 -13.34
C HIS A 181 -2.13 28.57 -13.05
N ILE A 182 -0.91 28.47 -12.52
CA ILE A 182 -0.29 27.19 -12.24
C ILE A 182 -0.36 26.81 -10.75
N LEU A 183 -0.47 27.77 -9.84
CA LEU A 183 -0.47 27.42 -8.43
C LEU A 183 -1.83 27.54 -7.77
N ARG A 184 -2.76 28.26 -8.39
CA ARG A 184 -4.08 28.45 -7.81
C ARG A 184 -5.18 28.20 -8.84
N PHE A 185 -4.95 27.22 -9.74
CA PHE A 185 -5.96 26.92 -10.76
C PHE A 185 -7.32 26.64 -10.15
N PHE A 186 -7.37 26.17 -8.90
CA PHE A 186 -8.64 25.89 -8.24
C PHE A 186 -9.46 27.13 -7.93
N ASP A 187 -8.90 28.33 -8.06
CA ASP A 187 -9.66 29.56 -7.92
C ASP A 187 -10.11 30.10 -9.26
N LEU A 188 -9.52 29.63 -10.35
CA LEU A 188 -9.73 30.24 -11.65
C LEU A 188 -10.75 29.52 -12.53
N ASN A 189 -11.00 28.23 -12.31
CA ASN A 189 -11.93 27.49 -13.17
C ASN A 189 -13.34 27.67 -12.66
N LYS A 190 -14.19 28.35 -13.44
CA LYS A 190 -15.53 28.67 -12.99
C LYS A 190 -16.33 27.41 -12.67
N SER A 191 -16.22 26.37 -13.50
CA SER A 191 -16.99 25.16 -13.26
C SER A 191 -16.55 24.51 -11.96
N TYR A 192 -15.24 24.41 -11.74
CA TYR A 192 -14.74 23.82 -10.50
C TYR A 192 -15.19 24.61 -9.27
N VAL A 193 -15.10 25.94 -9.32
CA VAL A 193 -15.53 26.73 -8.18
C VAL A 193 -16.99 26.42 -7.84
N ASN A 194 -17.82 26.31 -8.86
CA ASN A 194 -19.23 26.03 -8.64
C ASN A 194 -19.38 24.63 -8.03
N TYR A 195 -18.58 23.67 -8.51
CA TYR A 195 -18.65 22.32 -7.97
C TYR A 195 -18.19 22.30 -6.52
N LYS A 196 -17.14 23.06 -6.19
CA LYS A 196 -16.57 23.02 -4.86
C LYS A 196 -17.55 23.58 -3.82
N GLU A 197 -18.28 24.63 -4.18
CA GLU A 197 -19.15 25.30 -3.24
C GLU A 197 -20.58 24.80 -3.25
N LYS A 198 -21.03 24.17 -4.35
CA LYS A 198 -22.43 23.76 -4.40
C LYS A 198 -22.62 22.42 -5.13
N GLY A 199 -21.56 21.71 -5.48
CA GLY A 199 -21.69 20.49 -6.26
C GLY A 199 -22.38 19.35 -5.54
N ASP A 200 -22.58 18.26 -6.30
CA ASP A 200 -23.29 17.06 -5.84
C ASP A 200 -22.53 16.25 -4.80
N TRP A 201 -21.24 16.53 -4.58
CA TRP A 201 -20.56 15.84 -3.49
C TRP A 201 -21.09 16.25 -2.13
N LEU A 202 -21.65 17.46 -2.03
CA LEU A 202 -22.10 18.00 -0.74
C LEU A 202 -23.12 17.10 -0.05
N PRO A 203 -24.21 16.64 -0.70
CA PRO A 203 -25.16 15.79 0.01
C PRO A 203 -24.59 14.44 0.39
N ILE A 204 -23.67 13.90 -0.42
CA ILE A 204 -23.03 12.64 -0.06
C ILE A 204 -22.25 12.81 1.23
N TYR A 205 -21.48 13.89 1.31
CA TYR A 205 -20.68 14.20 2.50
C TYR A 205 -21.54 14.38 3.73
N LYS A 206 -22.60 15.18 3.61
CA LYS A 206 -23.50 15.41 4.74
C LYS A 206 -24.11 14.10 5.25
N ALA A 207 -24.58 13.24 4.33
CA ALA A 207 -25.19 12.00 4.76
C ALA A 207 -24.15 11.05 5.36
N PHE A 208 -22.93 11.07 4.81
CA PHE A 208 -21.83 10.30 5.39
C PHE A 208 -21.51 10.76 6.81
N VAL A 209 -21.46 12.08 7.02
CA VAL A 209 -21.22 12.60 8.36
C VAL A 209 -22.33 12.14 9.31
N HIS A 210 -23.58 12.29 8.88
CA HIS A 210 -24.70 11.85 9.70
C HIS A 210 -24.56 10.38 10.06
N LYS A 211 -24.07 9.57 9.12
CA LYS A 211 -23.93 8.13 9.36
C LYS A 211 -22.75 7.81 10.27
N LYS A 212 -21.67 8.58 10.20
CA LYS A 212 -20.42 8.22 10.85
C LYS A 212 -20.27 8.82 12.24
N ILE A 213 -20.82 10.01 12.48
CA ILE A 213 -20.54 10.78 13.70
C ILE A 213 -21.72 10.63 14.63
N SER A 214 -21.46 10.15 15.86
CA SER A 214 -22.49 10.05 16.91
C SER A 214 -22.20 11.06 18.00
N PRO A 215 -22.89 12.20 18.03
CA PRO A 215 -22.43 13.31 18.89
C PRO A 215 -22.70 13.11 20.36
N VAL A 216 -23.77 12.40 20.71
CA VAL A 216 -24.15 12.31 22.13
C VAL A 216 -23.07 11.72 23.01
N PRO A 217 -22.43 10.59 22.66
CA PRO A 217 -21.34 10.10 23.53
C PRO A 217 -20.23 11.11 23.72
N ILE A 218 -19.91 11.91 22.70
CA ILE A 218 -18.86 12.93 22.84
C ILE A 218 -19.33 14.08 23.69
N MET A 219 -20.52 14.61 23.41
CA MET A 219 -20.99 15.76 24.16
C MET A 219 -21.31 15.43 25.60
N LYS A 220 -21.54 14.15 25.91
CA LYS A 220 -21.84 13.75 27.28
C LYS A 220 -20.72 14.13 28.23
N LYS A 221 -19.46 14.10 27.77
CA LYS A 221 -18.34 14.49 28.62
C LYS A 221 -18.49 15.92 29.11
N PHE A 222 -19.12 16.78 28.32
CA PHE A 222 -19.06 18.22 28.51
C PHE A 222 -20.38 18.84 28.89
N LEU A 223 -21.48 18.23 28.47
CA LEU A 223 -22.81 18.84 28.53
C LEU A 223 -23.75 17.89 29.26
N LEU A 224 -24.51 18.42 30.20
CA LEU A 224 -25.59 17.65 30.79
C LEU A 224 -26.71 17.56 29.76
N ASN A 225 -27.29 16.38 29.66
CA ASN A 225 -28.42 16.14 28.76
C ASN A 225 -28.09 16.53 27.33
N PRO A 226 -27.05 15.97 26.71
CA PRO A 226 -26.80 16.32 25.30
C PRO A 226 -27.91 15.86 24.38
N GLU A 227 -28.74 14.90 24.81
CA GLU A 227 -29.81 14.39 23.99
C GLU A 227 -30.89 15.44 23.70
N GLN A 228 -30.94 16.53 24.47
CA GLN A 228 -31.90 17.59 24.20
C GLN A 228 -31.48 18.49 23.04
N TYR A 229 -30.29 18.29 22.50
CA TYR A 229 -29.81 19.07 21.35
C TYR A 229 -30.32 18.45 20.04
N LEU A 230 -30.79 19.31 19.14
CA LEU A 230 -31.08 18.83 17.79
C LEU A 230 -29.83 18.25 17.17
N ASP A 231 -29.99 17.17 16.43
CA ASP A 231 -28.82 16.47 15.91
C ASP A 231 -27.99 17.35 14.97
N LYS A 232 -28.63 18.27 14.25
CA LYS A 232 -27.88 19.22 13.42
C LYS A 232 -26.95 20.08 14.27
N GLU A 233 -27.49 20.74 15.30
CA GLU A 233 -26.66 21.53 16.22
C GLU A 233 -25.59 20.67 16.88
N ALA A 234 -25.94 19.47 17.32
CA ALA A 234 -24.98 18.61 17.99
C ALA A 234 -23.87 18.20 17.05
N GLU A 235 -24.22 17.91 15.79
CA GLU A 235 -23.23 17.51 14.82
C GLU A 235 -22.23 18.64 14.54
N GLU A 236 -22.74 19.86 14.39
CA GLU A 236 -21.86 21.00 14.12
C GLU A 236 -20.91 21.23 15.29
N PHE A 237 -21.42 21.13 16.53
CA PHE A 237 -20.57 21.31 17.70
C PHE A 237 -19.41 20.32 17.71
N VAL A 238 -19.72 19.04 17.50
CA VAL A 238 -18.68 18.01 17.58
C VAL A 238 -17.70 18.15 16.43
N MET A 239 -18.19 18.46 15.24
CA MET A 239 -17.32 18.66 14.08
C MET A 239 -16.44 19.90 14.26
N ALA A 240 -16.98 20.96 14.87
CA ALA A 240 -16.15 22.13 15.13
C ALA A 240 -15.09 21.81 16.19
N LEU A 241 -15.46 21.01 17.19
CA LEU A 241 -14.50 20.65 18.24
C LEU A 241 -13.38 19.77 17.71
N PHE A 242 -13.71 18.79 16.86
CA PHE A 242 -12.69 18.00 16.17
C PHE A 242 -11.72 18.91 15.39
N SER A 243 -12.27 19.94 14.73
CA SER A 243 -11.45 20.83 13.91
C SER A 243 -10.43 21.60 14.75
N VAL A 244 -10.84 22.06 15.93
CA VAL A 244 -9.92 22.73 16.85
C VAL A 244 -8.83 21.75 17.31
N ALA A 245 -9.24 20.52 17.65
CA ALA A 245 -8.29 19.55 18.17
C ALA A 245 -7.31 19.09 17.10
N ALA A 246 -7.75 18.99 15.84
CA ALA A 246 -6.89 18.48 14.78
C ALA A 246 -5.78 19.48 14.44
N ILE A 247 -6.06 20.79 14.52
CA ILE A 247 -5.08 21.76 14.04
C ILE A 247 -4.08 22.13 15.13
N LEU A 248 -4.43 21.92 16.40
CA LEU A 248 -3.57 22.31 17.51
C LEU A 248 -2.15 21.77 17.40
N PRO A 249 -1.90 20.52 17.00
CA PRO A 249 -0.51 20.06 16.89
C PRO A 249 0.31 20.81 15.84
N ASP A 250 -0.33 21.60 14.97
CA ASP A 250 0.37 22.31 13.92
C ASP A 250 0.82 23.71 14.32
N THR A 251 0.42 24.18 15.50
CA THR A 251 0.66 25.56 15.91
C THR A 251 1.94 25.76 16.73
N SER A 252 2.61 24.69 17.18
CA SER A 252 3.76 24.72 18.09
C SER A 252 3.38 25.17 19.50
N ILE A 253 2.11 25.45 19.77
CA ILE A 253 1.63 25.73 21.12
C ILE A 253 1.62 24.42 21.91
N PRO A 254 2.28 24.35 23.08
CA PRO A 254 2.40 23.09 23.85
C PRO A 254 1.12 22.77 24.61
N LEU A 255 0.05 22.55 23.86
CA LEU A 255 -1.26 22.18 24.36
C LEU A 255 -1.78 21.09 23.43
N ASN A 256 -2.49 20.12 23.97
CA ASN A 256 -2.98 19.02 23.16
C ASN A 256 -4.39 18.65 23.60
N LEU A 257 -5.25 18.33 22.62
CA LEU A 257 -6.67 18.07 22.86
C LEU A 257 -7.11 16.72 22.31
N GLU A 258 -6.16 15.82 22.02
CA GLU A 258 -6.53 14.56 21.37
C GLU A 258 -7.45 13.70 22.22
N ASP A 259 -7.41 13.85 23.55
CA ASP A 259 -8.16 12.98 24.46
C ASP A 259 -9.57 13.48 24.74
N LEU A 260 -9.99 14.58 24.12
CA LEU A 260 -11.41 14.87 24.10
C LEU A 260 -12.22 13.77 23.41
N PHE A 261 -11.58 12.93 22.59
CA PHE A 261 -12.29 11.91 21.81
C PHE A 261 -11.54 10.59 21.92
N THR A 262 -12.29 9.49 21.86
CA THR A 262 -11.60 8.21 21.72
C THR A 262 -11.00 8.03 20.34
N LEU A 263 -10.12 7.03 20.27
CA LEU A 263 -9.48 6.65 19.03
C LEU A 263 -10.51 6.29 17.96
N ASP A 264 -11.60 5.62 18.35
CA ASP A 264 -12.62 5.23 17.37
C ASP A 264 -13.39 6.45 16.86
N GLU A 265 -13.62 7.45 17.72
CA GLU A 265 -14.23 8.69 17.25
C GLU A 265 -13.30 9.46 16.29
N TRP A 266 -11.99 9.53 16.60
CA TRP A 266 -11.04 10.11 15.64
C TRP A 266 -11.04 9.34 14.33
N HIS A 267 -11.09 8.01 14.41
CA HIS A 267 -11.12 7.19 13.19
C HIS A 267 -12.31 7.58 12.31
N ARG A 268 -13.50 7.67 12.91
CA ARG A 268 -14.69 8.05 12.17
C ARG A 268 -14.60 9.48 11.65
N TYR A 269 -14.19 10.42 12.52
CA TYR A 269 -14.03 11.79 12.05
C TYR A 269 -13.12 11.84 10.83
N TRP A 270 -11.97 11.17 10.91
CA TRP A 270 -11.04 11.19 9.80
C TRP A 270 -11.69 10.64 8.53
N GLN A 271 -12.48 9.57 8.63
CA GLN A 271 -13.14 9.04 7.45
C GLN A 271 -14.02 10.08 6.76
N THR A 272 -14.76 10.90 7.54
CA THR A 272 -15.59 11.93 6.92
C THR A 272 -14.73 12.97 6.23
N GLN A 273 -13.63 13.39 6.88
CA GLN A 273 -12.82 14.45 6.29
C GLN A 273 -12.02 13.93 5.09
N ASN A 274 -11.57 12.68 5.16
CA ASN A 274 -10.92 12.04 4.03
C ASN A 274 -11.85 12.02 2.81
N LEU A 275 -13.13 11.71 3.05
CA LEU A 275 -14.11 11.68 1.96
C LEU A 275 -14.35 13.07 1.40
N ARG A 276 -14.46 14.06 2.28
CA ARG A 276 -14.62 15.44 1.81
C ARG A 276 -13.49 15.86 0.89
N GLN A 277 -12.24 15.56 1.27
CA GLN A 277 -11.10 15.92 0.43
C GLN A 277 -11.11 15.16 -0.89
N TYR A 278 -11.38 13.85 -0.82
CA TYR A 278 -11.44 13.01 -2.02
C TYR A 278 -12.47 13.52 -3.04
N MET A 279 -13.67 13.84 -2.57
CA MET A 279 -14.72 14.22 -3.51
C MET A 279 -14.55 15.67 -4.00
N SER A 280 -14.07 16.58 -3.14
CA SER A 280 -14.01 17.98 -3.52
C SER A 280 -12.76 18.33 -4.31
N LYS A 281 -11.70 17.54 -4.14
CA LYS A 281 -10.40 17.90 -4.68
C LYS A 281 -9.74 16.80 -5.49
N SER A 282 -10.31 15.60 -5.53
CA SER A 282 -9.61 14.53 -6.22
C SER A 282 -10.49 13.75 -7.19
N SER A 283 -10.26 12.44 -7.34
CA SER A 283 -10.79 11.67 -8.46
C SER A 283 -12.13 10.95 -8.19
N ALA A 284 -12.93 11.41 -7.22
CA ALA A 284 -14.20 10.74 -6.98
C ALA A 284 -15.08 10.79 -8.23
N PRO A 285 -15.82 9.71 -8.52
CA PRO A 285 -16.77 9.72 -9.65
C PRO A 285 -17.74 10.88 -9.62
N VAL A 286 -18.22 11.29 -8.44
CA VAL A 286 -19.20 12.38 -8.39
C VAL A 286 -18.63 13.67 -8.96
N GLY A 287 -17.32 13.82 -8.91
CA GLY A 287 -16.72 15.02 -9.50
C GLY A 287 -16.41 14.88 -10.98
N LYS A 288 -16.50 13.68 -11.54
CA LYS A 288 -16.29 13.47 -12.97
C LYS A 288 -14.90 13.90 -13.43
N MET A 289 -13.95 13.93 -12.49
CA MET A 289 -12.54 14.20 -12.70
C MET A 289 -12.31 15.68 -12.95
N LEU A 290 -13.37 16.50 -12.87
CA LEU A 290 -13.20 17.95 -12.90
C LEU A 290 -12.20 18.47 -11.87
N PRO A 291 -12.23 18.03 -10.60
CA PRO A 291 -11.22 18.50 -9.63
C PRO A 291 -9.79 18.13 -10.02
N VAL A 292 -9.58 17.06 -10.76
CA VAL A 292 -8.24 16.67 -11.19
C VAL A 292 -7.82 17.43 -12.45
N ALA A 293 -8.74 17.57 -13.41
CA ALA A 293 -8.41 18.11 -14.72
C ALA A 293 -7.85 19.52 -14.61
N ILE A 294 -8.34 20.31 -13.66
CA ILE A 294 -7.95 21.72 -13.56
C ILE A 294 -6.48 21.90 -13.25
N ALA A 295 -5.79 20.82 -12.86
CA ALA A 295 -4.37 20.87 -12.53
C ALA A 295 -3.46 20.77 -13.75
N TRP A 296 -3.99 20.57 -14.96
CA TRP A 296 -3.07 20.34 -16.08
C TRP A 296 -2.09 21.50 -16.36
N PRO A 297 -2.42 22.78 -16.16
CA PRO A 297 -1.37 23.80 -16.41
C PRO A 297 -0.13 23.61 -15.58
N LEU A 298 -0.25 23.11 -14.33
CA LEU A 298 0.93 22.86 -13.52
C LEU A 298 1.71 21.65 -14.00
N LEU A 299 1.02 20.58 -14.41
CA LEU A 299 1.74 19.45 -14.99
C LEU A 299 2.42 19.87 -16.29
N SER A 300 1.79 20.74 -17.08
CA SER A 300 2.42 21.22 -18.30
C SER A 300 3.66 22.06 -18.00
N GLU A 301 3.61 22.85 -16.94
CA GLU A 301 4.76 23.69 -16.60
C GLU A 301 5.91 22.84 -16.04
N PHE A 302 5.58 21.82 -15.23
CA PHE A 302 6.60 20.86 -14.78
C PHE A 302 7.36 20.28 -15.95
N ILE A 303 6.62 19.81 -16.97
CA ILE A 303 7.26 19.18 -18.12
C ILE A 303 8.09 20.20 -18.87
N ARG A 304 7.54 21.39 -19.09
CA ARG A 304 8.28 22.40 -19.84
C ARG A 304 9.57 22.77 -19.14
N SER A 305 9.55 22.90 -17.81
CA SER A 305 10.77 23.37 -17.15
C SER A 305 11.83 22.27 -17.13
N ALA A 306 11.42 21.01 -17.09
CA ALA A 306 12.42 19.95 -17.25
C ALA A 306 12.92 19.88 -18.69
N GLN A 307 12.03 20.03 -19.67
CA GLN A 307 12.46 19.98 -21.07
C GLN A 307 13.45 21.11 -21.36
N GLU A 308 13.22 22.28 -20.78
CA GLU A 308 14.13 23.40 -21.00
C GLU A 308 15.51 23.14 -20.37
N VAL A 309 15.55 22.49 -19.21
CA VAL A 309 16.83 22.13 -18.61
C VAL A 309 17.53 21.09 -19.46
N ILE A 310 16.79 20.06 -19.90
CA ILE A 310 17.42 19.03 -20.71
C ILE A 310 17.99 19.61 -21.99
N SER A 311 17.26 20.51 -22.64
CA SER A 311 17.71 21.04 -23.91
C SER A 311 18.82 22.09 -23.76
N GLY A 312 18.83 22.81 -22.65
CA GLY A 312 19.79 23.90 -22.48
C GLY A 312 19.17 25.29 -22.47
N LYS A 313 17.89 25.43 -22.83
CA LYS A 313 17.24 26.72 -22.71
C LYS A 313 17.28 27.25 -21.28
N SER A 314 17.25 26.35 -20.31
CA SER A 314 17.38 26.70 -18.91
C SER A 314 18.63 26.02 -18.36
N ASP A 315 19.36 26.70 -17.47
CA ASP A 315 20.48 26.03 -16.82
C ASP A 315 20.30 26.01 -15.30
N TYR A 316 19.03 26.01 -14.87
CA TYR A 316 18.69 25.76 -13.47
C TYR A 316 19.01 24.32 -13.07
N GLN A 317 19.46 24.18 -11.84
CA GLN A 317 19.65 22.88 -11.21
C GLN A 317 18.40 22.42 -10.45
N ALA A 318 17.47 23.33 -10.18
CA ALA A 318 16.25 22.95 -9.48
C ALA A 318 15.23 24.07 -9.62
N ASN A 319 13.95 23.70 -9.70
CA ASN A 319 12.84 24.64 -9.63
C ASN A 319 11.96 24.23 -8.46
N PHE A 320 11.73 25.15 -7.53
CA PHE A 320 10.91 24.89 -6.36
C PHE A 320 9.65 25.75 -6.45
N ARG A 321 8.54 25.21 -5.95
CA ARG A 321 7.23 25.86 -6.02
C ARG A 321 6.49 25.60 -4.72
N PHE A 322 5.96 26.65 -4.12
CA PHE A 322 5.29 26.55 -2.81
C PHE A 322 3.85 27.00 -2.94
N ALA A 323 2.92 26.17 -2.48
CA ALA A 323 1.50 26.43 -2.67
C ALA A 323 0.65 25.70 -1.63
N HIS A 324 -0.51 25.17 -2.00
CA HIS A 324 -1.50 24.73 -1.02
C HIS A 324 -1.86 23.26 -1.23
N ASP A 325 -2.62 22.67 -0.30
CA ASP A 325 -3.00 21.28 -0.57
C ASP A 325 -3.99 21.20 -1.74
N ASN A 326 -4.76 22.27 -1.95
CA ASN A 326 -5.63 22.36 -3.12
C ASN A 326 -4.84 22.37 -4.43
N THR A 327 -3.52 22.65 -4.37
CA THR A 327 -2.60 22.51 -5.48
C THR A 327 -2.04 21.08 -5.58
N VAL A 328 -1.58 20.56 -4.46
CA VAL A 328 -0.87 19.28 -4.45
C VAL A 328 -1.81 18.12 -4.77
N ILE A 329 -3.00 18.10 -4.18
CA ILE A 329 -3.85 16.91 -4.27
C ILE A 329 -4.25 16.64 -5.72
N PRO A 330 -4.91 17.55 -6.43
CA PRO A 330 -5.24 17.23 -7.83
C PRO A 330 -4.01 17.02 -8.70
N PHE A 331 -2.91 17.74 -8.42
CA PHE A 331 -1.70 17.56 -9.20
C PHE A 331 -1.17 16.13 -9.09
N VAL A 332 -1.19 15.57 -7.88
CA VAL A 332 -0.74 14.19 -7.66
C VAL A 332 -1.66 13.21 -8.39
N SER A 333 -2.97 13.47 -8.31
CA SER A 333 -3.92 12.61 -9.02
C SER A 333 -3.72 12.68 -10.53
N LEU A 334 -3.50 13.89 -11.05
CA LEU A 334 -3.35 14.02 -12.49
C LEU A 334 -2.05 13.36 -12.96
N MET A 335 -1.00 13.38 -12.12
CA MET A 335 0.19 12.62 -12.45
C MET A 335 -0.14 11.12 -12.52
N GLY A 336 -1.17 10.69 -11.78
CA GLY A 336 -1.51 9.28 -11.75
C GLY A 336 -0.60 8.44 -10.89
N ILE A 337 0.06 9.04 -9.89
CA ILE A 337 0.80 8.28 -8.91
C ILE A 337 -0.12 7.24 -8.29
N GLU A 338 0.33 5.99 -8.27
CA GLU A 338 -0.62 4.88 -8.23
C GLU A 338 -1.57 4.98 -7.05
N LYS A 339 -2.85 4.75 -7.35
CA LYS A 339 -4.06 4.80 -6.53
C LYS A 339 -4.48 6.21 -6.13
N THR A 340 -3.64 7.24 -6.27
CA THR A 340 -4.11 8.56 -5.87
C THR A 340 -5.20 9.09 -6.80
N ASP A 341 -5.39 8.47 -7.96
CA ASP A 341 -6.43 8.84 -8.90
C ASP A 341 -7.48 7.74 -9.05
N VAL A 342 -7.56 6.82 -8.10
CA VAL A 342 -8.63 5.83 -8.09
C VAL A 342 -9.98 6.53 -8.10
N GLN A 343 -10.92 5.96 -8.84
CA GLN A 343 -12.32 6.41 -8.92
C GLN A 343 -13.17 5.34 -8.23
N VAL A 344 -13.53 5.60 -6.97
CA VAL A 344 -14.21 4.65 -6.11
C VAL A 344 -15.69 4.98 -6.12
N CYS A 345 -16.51 4.01 -6.50
CA CYS A 345 -17.95 4.24 -6.59
C CYS A 345 -18.59 4.46 -5.22
N ARG A 346 -18.24 3.64 -4.23
CA ARG A 346 -18.96 3.62 -2.96
C ARG A 346 -18.26 4.52 -1.95
N PRO A 347 -18.97 5.48 -1.35
CA PRO A 347 -18.32 6.40 -0.38
C PRO A 347 -17.66 5.67 0.77
N ASP A 348 -18.31 4.62 1.29
CA ASP A 348 -17.81 3.87 2.43
C ASP A 348 -16.49 3.16 2.13
N SER A 349 -16.20 2.90 0.86
CA SER A 349 -14.96 2.21 0.48
C SER A 349 -13.78 3.14 0.26
N VAL A 350 -14.01 4.46 0.18
CA VAL A 350 -12.93 5.38 -0.21
C VAL A 350 -11.73 5.27 0.74
N SER A 351 -11.99 5.26 2.05
CA SER A 351 -10.88 5.27 3.01
C SER A 351 -9.97 4.05 2.92
N VAL A 352 -10.42 2.96 2.33
CA VAL A 352 -9.54 1.82 2.14
C VAL A 352 -8.55 2.08 1.02
N TYR A 353 -8.98 2.78 -0.01
CA TYR A 353 -8.16 2.92 -1.20
C TYR A 353 -7.47 4.26 -1.36
N TRP A 354 -7.87 5.28 -0.58
CA TRP A 354 -7.36 6.63 -0.79
C TRP A 354 -7.27 7.33 0.56
N LYS A 355 -6.08 7.82 0.89
CA LYS A 355 -5.81 8.27 2.27
C LYS A 355 -5.13 9.63 2.18
N ASP A 356 -5.82 10.66 2.64
CA ASP A 356 -5.34 12.01 2.45
C ASP A 356 -4.03 12.26 3.21
N TYR A 357 -3.85 11.65 4.37
CA TYR A 357 -2.62 11.94 5.11
C TYR A 357 -1.41 11.31 4.45
N GLU A 358 -1.62 10.35 3.54
CA GLU A 358 -0.52 9.80 2.77
C GLU A 358 -0.22 10.65 1.55
N ILE A 359 -1.14 11.50 1.14
CA ILE A 359 -0.96 12.35 -0.02
C ILE A 359 -0.54 13.77 0.35
N SER A 360 -1.32 14.42 1.22
CA SER A 360 -1.15 15.86 1.51
C SER A 360 -1.18 16.11 3.01
N PRO A 361 -0.19 15.62 3.74
CA PRO A 361 0.02 16.13 5.10
C PRO A 361 0.52 17.57 5.02
N MET A 362 0.63 18.23 6.16
CA MET A 362 1.34 19.50 6.22
C MET A 362 2.73 19.33 5.60
N ALA A 363 3.15 20.32 4.78
CA ALA A 363 4.43 20.32 4.08
C ALA A 363 4.53 19.23 3.00
N ALA A 364 3.39 18.71 2.53
CA ALA A 364 3.40 17.70 1.47
C ALA A 364 4.20 18.19 0.26
N ASN A 365 4.96 17.29 -0.37
CA ASN A 365 5.79 17.73 -1.48
C ASN A 365 6.04 16.60 -2.47
N VAL A 366 6.16 17.00 -3.74
CA VAL A 366 6.48 16.12 -4.86
C VAL A 366 7.81 16.55 -5.44
N GLN A 367 8.71 15.60 -5.66
CA GLN A 367 10.02 15.88 -6.24
C GLN A 367 10.24 14.93 -7.40
N TRP A 368 10.50 15.49 -8.58
CA TRP A 368 10.94 14.72 -9.74
C TRP A 368 12.46 14.85 -9.78
N LEU A 369 13.16 13.73 -9.70
CA LEU A 369 14.62 13.70 -9.72
C LEU A 369 15.07 13.13 -11.05
N PHE A 370 15.93 13.88 -11.76
CA PHE A 370 16.32 13.56 -13.13
C PHE A 370 17.76 13.09 -13.17
N TYR A 371 18.00 11.98 -13.87
CA TYR A 371 19.33 11.39 -13.98
C TYR A 371 19.70 11.15 -15.43
N ARG A 372 21.00 11.24 -15.72
CA ARG A 372 21.57 10.91 -17.02
C ARG A 372 22.55 9.75 -16.82
N ASP A 373 22.31 8.63 -17.49
CA ASP A 373 23.15 7.46 -17.27
C ASP A 373 24.34 7.47 -18.23
N ARG A 374 25.00 6.30 -18.36
CA ARG A 374 26.26 6.19 -19.08
C ARG A 374 26.08 6.34 -20.58
N ASP A 375 24.87 6.12 -21.10
CA ASP A 375 24.56 6.31 -22.51
C ASP A 375 23.77 7.59 -22.74
N GLN A 376 23.80 8.51 -21.78
CA GLN A 376 23.11 9.80 -21.83
C GLN A 376 21.59 9.67 -21.92
N ARG A 377 21.04 8.50 -21.60
CA ARG A 377 19.59 8.36 -21.52
C ARG A 377 19.09 8.96 -20.21
N ILE A 378 17.92 9.58 -20.26
CA ILE A 378 17.37 10.37 -19.15
C ILE A 378 16.38 9.52 -18.38
N TRP A 379 16.60 9.37 -17.07
CA TRP A 379 15.72 8.68 -16.14
C TRP A 379 15.15 9.65 -15.12
N VAL A 380 13.97 9.34 -14.58
CA VAL A 380 13.32 10.20 -13.60
C VAL A 380 12.79 9.35 -12.47
N LYS A 381 13.01 9.81 -11.25
CA LYS A 381 12.42 9.20 -10.06
C LYS A 381 11.43 10.20 -9.47
N ILE A 382 10.29 9.69 -9.00
CA ILE A 382 9.23 10.53 -8.46
C ILE A 382 9.14 10.26 -6.97
N LEU A 383 9.34 11.31 -6.17
CA LEU A 383 9.20 11.21 -4.73
C LEU A 383 7.94 11.95 -4.30
N LEU A 384 7.12 11.29 -3.49
CA LEU A 384 5.96 11.89 -2.86
C LEU A 384 6.22 11.85 -1.36
N ASN A 385 6.37 13.01 -0.74
CA ASN A 385 6.77 13.10 0.66
C ASN A 385 8.04 12.28 0.89
N GLU A 386 8.97 12.44 -0.05
CA GLU A 386 10.32 11.87 0.00
C GLU A 386 10.34 10.34 -0.04
N GLU A 387 9.23 9.70 -0.42
CA GLU A 387 9.25 8.26 -0.69
C GLU A 387 9.00 8.04 -2.17
N ALA A 388 9.68 7.05 -2.75
CA ALA A 388 9.53 6.81 -4.18
C ALA A 388 8.12 6.34 -4.50
N ALA A 389 7.54 6.93 -5.54
CA ALA A 389 6.17 6.67 -5.94
C ALA A 389 6.15 5.88 -7.24
N ALA A 390 5.05 5.19 -7.49
CA ALA A 390 4.89 4.35 -8.66
C ALA A 390 3.94 5.00 -9.65
N LEU A 391 4.23 4.84 -10.93
CA LEU A 391 3.40 5.18 -12.06
C LEU A 391 2.90 3.90 -12.72
N PRO A 392 1.73 3.91 -13.38
CA PRO A 392 1.24 2.68 -14.00
C PRO A 392 1.89 2.40 -15.33
N ILE A 393 3.19 2.67 -15.46
CA ILE A 393 3.96 2.30 -16.63
C ILE A 393 5.07 1.35 -16.17
N SER A 394 5.66 0.64 -17.12
CA SER A 394 6.65 -0.37 -16.78
C SER A 394 8.05 0.24 -16.73
N THR A 395 8.90 -0.36 -15.90
CA THR A 395 10.31 -0.04 -15.89
C THR A 395 11.05 -1.26 -15.36
N ALA A 396 12.21 -1.52 -15.94
CA ALA A 396 13.05 -2.61 -15.48
C ALA A 396 13.98 -2.24 -14.33
N CYS A 397 13.94 -1.00 -13.83
CA CYS A 397 14.75 -0.64 -12.66
C CYS A 397 13.97 0.34 -11.78
N PHE A 398 12.82 -0.08 -11.28
CA PHE A 398 12.10 0.72 -10.30
C PHE A 398 13.04 1.09 -9.16
N PRO A 399 12.94 2.30 -8.62
CA PRO A 399 11.99 3.38 -8.94
C PRO A 399 12.37 4.36 -10.06
N TYR A 400 13.32 4.05 -10.94
CA TYR A 400 13.69 4.93 -12.05
C TYR A 400 12.89 4.58 -13.30
N TYR A 401 12.23 5.58 -13.87
CA TYR A 401 11.46 5.46 -15.10
C TYR A 401 12.15 6.20 -16.24
N SER A 402 12.01 5.66 -17.45
CA SER A 402 12.40 6.40 -18.63
C SER A 402 11.67 7.74 -18.67
N TRP A 403 12.43 8.83 -18.84
CA TRP A 403 11.80 10.14 -18.95
C TRP A 403 10.93 10.22 -20.20
N GLU A 404 11.44 9.75 -21.33
CA GLU A 404 10.64 9.71 -22.55
C GLU A 404 9.29 9.03 -22.34
N LYS A 405 9.31 7.82 -21.77
CA LYS A 405 8.05 7.13 -21.50
C LYS A 405 7.18 7.93 -20.54
N THR A 406 7.79 8.52 -19.52
CA THR A 406 7.03 9.22 -18.49
C THR A 406 6.38 10.48 -19.04
N ARG A 407 7.15 11.25 -19.83
CA ARG A 407 6.65 12.48 -20.44
C ARG A 407 5.52 12.19 -21.41
N ILE A 408 5.65 11.13 -22.20
CA ILE A 408 4.56 10.73 -23.08
C ILE A 408 3.31 10.41 -22.25
N PHE A 409 3.50 9.70 -21.16
CA PHE A 409 2.37 9.39 -20.27
C PHE A 409 1.76 10.65 -19.68
N PHE A 410 2.59 11.60 -19.20
CA PHE A 410 2.04 12.83 -18.64
C PHE A 410 1.34 13.68 -19.70
N ASN A 411 1.87 13.72 -20.93
CA ASN A 411 1.19 14.46 -21.99
C ASN A 411 -0.17 13.83 -22.30
N GLN A 412 -0.29 12.51 -22.23
CA GLN A 412 -1.60 11.88 -22.36
C GLN A 412 -2.53 12.30 -21.22
N ARG A 413 -2.04 12.33 -19.98
CA ARG A 413 -2.86 12.81 -18.87
C ARG A 413 -3.31 14.25 -19.09
N ILE A 414 -2.44 15.11 -19.64
CA ILE A 414 -2.82 16.49 -19.92
C ILE A 414 -3.92 16.54 -21.00
N GLU A 415 -3.74 15.79 -22.09
CA GLU A 415 -4.79 15.76 -23.11
C GLU A 415 -6.11 15.22 -22.58
N MET A 416 -6.05 14.22 -21.69
CA MET A 416 -7.25 13.72 -21.03
C MET A 416 -7.90 14.79 -20.16
N ALA A 417 -7.08 15.55 -19.41
CA ALA A 417 -7.61 16.65 -18.61
C ALA A 417 -8.34 17.67 -19.48
N LYS A 418 -7.74 18.04 -20.62
CA LYS A 418 -8.35 19.03 -21.50
C LYS A 418 -9.67 18.52 -22.07
N LYS A 419 -9.72 17.24 -22.44
CA LYS A 419 -10.98 16.65 -22.91
C LYS A 419 -12.04 16.66 -21.81
N THR A 420 -11.65 16.32 -20.57
CA THR A 420 -12.59 16.42 -19.44
C THR A 420 -13.12 17.84 -19.29
N LEU A 421 -12.24 18.85 -19.38
CA LEU A 421 -12.68 20.23 -19.24
C LEU A 421 -13.54 20.67 -20.42
N SER A 422 -13.47 19.97 -21.56
CA SER A 422 -14.31 20.33 -22.70
C SER A 422 -15.78 20.01 -22.45
N VAL A 423 -16.07 19.14 -21.49
CA VAL A 423 -17.45 18.80 -21.18
C VAL A 423 -18.07 19.85 -20.27
N PHE A 424 -17.24 20.65 -19.60
CA PHE A 424 -17.66 21.69 -18.67
C PHE A 424 -17.25 23.07 -19.16
N ASN A 425 -17.17 23.25 -20.49
CA ASN A 425 -16.52 24.42 -21.08
C ASN A 425 -16.99 25.74 -20.46
N GLU A 426 -18.24 25.77 -19.99
CA GLU A 426 -18.86 26.87 -19.21
C GLU A 426 -18.13 28.21 -19.23
N GLN B 22 -2.21 -8.43 11.23
CA GLN B 22 -1.08 -9.33 11.50
C GLN B 22 0.01 -8.59 12.26
N THR B 23 0.58 -9.23 13.27
CA THR B 23 1.73 -8.67 13.97
C THR B 23 2.97 -8.74 13.07
N LYS B 24 3.98 -7.97 13.46
CA LYS B 24 5.23 -7.98 12.69
C LYS B 24 5.86 -9.36 12.70
N ILE B 25 5.80 -10.04 13.85
CA ILE B 25 6.46 -11.33 13.93
C ILE B 25 5.79 -12.35 13.02
N GLN B 26 4.47 -12.29 12.89
CA GLN B 26 3.76 -13.16 11.94
C GLN B 26 4.24 -12.92 10.50
N LYS B 27 4.22 -11.64 10.09
CA LYS B 27 4.71 -11.26 8.76
C LYS B 27 6.09 -11.84 8.46
N TYR B 28 6.97 -11.89 9.47
CA TYR B 28 8.33 -12.34 9.24
C TYR B 28 8.40 -13.84 8.92
N ALA B 29 7.30 -14.56 9.05
CA ALA B 29 7.29 -15.92 8.55
C ALA B 29 7.10 -16.00 7.04
N GLY B 30 6.81 -14.88 6.38
CA GLY B 30 6.85 -14.86 4.93
C GLY B 30 5.71 -15.67 4.34
N THR B 31 6.01 -16.51 3.35
CA THR B 31 4.95 -17.33 2.78
C THR B 31 4.48 -18.43 3.73
N ALA B 32 5.16 -18.64 4.87
CA ALA B 32 4.67 -19.51 5.93
C ALA B 32 3.75 -18.79 6.91
N MET B 33 3.49 -17.50 6.73
CA MET B 33 2.55 -16.84 7.61
C MET B 33 1.14 -17.40 7.39
N PRO B 34 0.41 -17.69 8.45
CA PRO B 34 -0.98 -18.14 8.32
C PRO B 34 -1.83 -17.11 7.58
N TYR B 35 -2.90 -17.60 6.95
CA TYR B 35 -3.81 -16.70 6.25
C TYR B 35 -4.27 -15.59 7.20
N PRO B 36 -4.32 -14.34 6.74
CA PRO B 36 -4.73 -13.25 7.64
C PRO B 36 -6.20 -13.37 8.03
N ASN B 37 -6.53 -12.81 9.19
CA ASN B 37 -7.92 -12.76 9.62
C ASN B 37 -8.75 -11.95 8.64
N ARG B 38 -9.88 -12.52 8.22
CA ARG B 38 -10.85 -11.88 7.34
C ARG B 38 -12.21 -11.91 8.04
N THR B 39 -13.20 -11.30 7.41
CA THR B 39 -14.56 -11.26 7.98
C THR B 39 -15.59 -10.94 6.90
N MET B 49 -25.42 -6.38 -7.94
CA MET B 49 -24.73 -6.55 -6.66
C MET B 49 -24.20 -7.98 -6.57
N THR B 50 -24.69 -8.82 -7.47
CA THR B 50 -24.49 -10.26 -7.39
C THR B 50 -23.74 -10.77 -8.61
N PRO B 51 -22.63 -11.47 -8.44
CA PRO B 51 -21.88 -11.97 -9.61
C PRO B 51 -22.57 -13.15 -10.27
N PHE B 52 -22.18 -13.40 -11.52
CA PHE B 52 -22.67 -14.57 -12.22
C PHE B 52 -21.61 -15.66 -12.38
N TYR B 53 -20.35 -15.40 -11.98
CA TYR B 53 -19.30 -16.41 -12.13
C TYR B 53 -18.12 -16.04 -11.25
N ILE B 54 -17.45 -17.05 -10.68
CA ILE B 54 -16.22 -16.85 -9.92
C ILE B 54 -15.13 -17.76 -10.48
N ASN B 55 -13.99 -17.16 -10.78
CA ASN B 55 -12.81 -17.84 -11.29
C ASN B 55 -11.79 -17.80 -10.16
N HIS B 56 -11.35 -18.97 -9.69
CA HIS B 56 -10.58 -19.02 -8.45
C HIS B 56 -9.27 -19.80 -8.62
N LEU B 57 -8.22 -19.30 -7.95
CA LEU B 57 -7.00 -20.06 -7.72
C LEU B 57 -6.66 -19.96 -6.24
N GLY B 58 -6.53 -21.09 -5.56
CA GLY B 58 -6.17 -21.01 -4.15
C GLY B 58 -4.96 -21.85 -3.80
N ARG B 59 -4.04 -21.29 -3.03
CA ARG B 59 -2.97 -22.10 -2.45
C ARG B 59 -3.55 -23.03 -1.35
N NEP B 60 -2.91 -24.18 -1.13
CA NEP B 60 -3.28 -25.08 -0.05
C NEP B 60 -3.23 -24.31 1.28
O NEP B 60 -2.50 -23.34 1.49
CB NEP B 60 -2.37 -26.33 0.06
CG NEP B 60 -0.94 -25.93 0.20
ND1 NEP B 60 -0.43 -25.38 1.41
CD2 NEP B 60 0.12 -26.01 -0.73
CE1 NEP B 60 0.88 -25.12 1.19
NE2 NEP B 60 1.29 -25.47 -0.12
P NEP B 60 2.72 -25.35 -0.84
O1P NEP B 60 3.87 -24.97 0.20
O2P NEP B 60 2.75 -23.95 -1.57
O3P NEP B 60 3.15 -26.51 -1.64
N GLY B 61 -4.07 -24.75 2.23
CA GLY B 61 -4.06 -24.14 3.55
C GLY B 61 -2.82 -24.43 4.37
N ALA B 62 -2.76 -23.83 5.56
CA ALA B 62 -1.70 -24.09 6.54
C ALA B 62 -1.41 -25.58 6.68
N ARG B 63 -0.12 -25.94 6.72
CA ARG B 63 0.32 -27.31 6.59
C ARG B 63 1.54 -27.59 7.46
N PHE B 64 1.84 -28.86 7.62
CA PHE B 64 3.03 -29.30 8.32
C PHE B 64 4.26 -29.10 7.43
N PRO B 65 5.45 -29.05 8.01
CA PRO B 65 6.66 -29.06 7.18
C PRO B 65 6.65 -30.25 6.24
N THR B 66 7.10 -30.03 5.00
CA THR B 66 7.23 -31.15 4.07
C THR B 66 8.46 -32.00 4.34
N SER B 67 9.53 -31.39 4.84
CA SER B 67 10.82 -32.05 4.99
C SER B 67 11.28 -32.03 6.44
N ARG B 68 11.86 -33.14 6.88
CA ARG B 68 12.46 -33.23 8.21
C ARG B 68 13.92 -32.80 8.21
N LYS B 69 14.43 -32.30 7.08
CA LYS B 69 15.85 -31.99 6.98
C LYS B 69 16.25 -30.91 7.99
N ALA B 70 15.47 -29.83 8.07
CA ALA B 70 15.80 -28.76 9.00
C ALA B 70 15.78 -29.26 10.43
N LEU B 71 14.73 -30.01 10.80
CA LEU B 71 14.67 -30.59 12.13
C LEU B 71 15.82 -31.56 12.36
N ASP B 72 16.26 -32.25 11.30
CA ASP B 72 17.39 -33.17 11.40
C ASP B 72 18.69 -32.42 11.69
N LYS B 73 18.92 -31.32 11.00
CA LYS B 73 20.16 -30.57 11.18
C LYS B 73 20.27 -30.05 12.60
N VAL B 74 19.21 -29.43 13.10
CA VAL B 74 19.20 -28.88 14.46
C VAL B 74 19.43 -29.99 15.47
N GLU B 75 18.70 -31.10 15.32
CA GLU B 75 18.81 -32.21 16.25
C GLU B 75 20.24 -32.75 16.29
N LYS B 76 20.87 -32.90 15.13
CA LYS B 76 22.22 -33.46 15.11
C LYS B 76 23.21 -32.56 15.85
N VAL B 77 23.08 -31.23 15.71
CA VAL B 77 24.00 -30.34 16.40
C VAL B 77 23.81 -30.42 17.91
N LEU B 78 22.56 -30.34 18.37
CA LEU B 78 22.32 -30.33 19.80
C LEU B 78 22.67 -31.67 20.45
N VAL B 79 22.41 -32.78 19.74
CA VAL B 79 22.71 -34.10 20.29
C VAL B 79 24.21 -34.31 20.42
N SER B 80 24.97 -33.88 19.43
CA SER B 80 26.42 -34.05 19.51
C SER B 80 27.05 -33.14 20.54
N ALA B 81 26.48 -31.93 20.73
CA ALA B 81 26.97 -31.05 21.78
C ALA B 81 26.67 -31.62 23.15
N GLN B 82 25.56 -32.35 23.29
CA GLN B 82 25.29 -33.05 24.54
C GLN B 82 26.30 -34.15 24.81
N GLN B 83 26.84 -34.79 23.75
CA GLN B 83 27.92 -35.78 23.87
C GLN B 83 29.27 -35.15 24.15
N GLU B 84 29.23 -33.88 24.53
CA GLU B 84 30.42 -33.19 24.99
C GLU B 84 30.10 -32.29 26.18
N ASN B 85 28.92 -32.43 26.79
CA ASN B 85 28.42 -31.50 27.79
C ASN B 85 28.64 -30.06 27.34
N GLY B 86 28.25 -29.80 26.08
CA GLY B 86 28.47 -28.52 25.46
C GLY B 86 27.18 -27.75 25.23
N LEU B 87 26.13 -28.18 25.90
CA LEU B 87 24.82 -27.54 25.81
C LEU B 87 24.62 -26.62 27.00
N THR B 88 24.16 -25.40 26.74
CA THR B 88 23.74 -24.55 27.84
C THR B 88 22.36 -25.02 28.35
N SER B 89 21.91 -24.41 29.44
CA SER B 89 20.57 -24.71 29.97
C SER B 89 19.51 -24.54 28.88
N GLU B 90 19.56 -23.40 28.18
CA GLU B 90 18.60 -23.15 27.12
C GLU B 90 18.78 -24.11 25.97
N GLY B 91 20.02 -24.50 25.67
CA GLY B 91 20.25 -25.54 24.68
C GLY B 91 19.58 -26.86 25.04
N MET B 92 19.66 -27.26 26.31
CA MET B 92 18.97 -28.48 26.72
C MET B 92 17.46 -28.31 26.59
N ALA B 93 16.93 -27.17 27.01
CA ALA B 93 15.50 -26.89 26.82
C ALA B 93 15.10 -26.97 25.36
N LEU B 94 15.93 -26.40 24.47
CA LEU B 94 15.64 -26.48 23.04
C LEU B 94 15.63 -27.94 22.56
N LEU B 95 16.62 -28.73 23.00
CA LEU B 95 16.71 -30.12 22.55
C LEU B 95 15.46 -30.92 22.95
N SER B 96 14.95 -30.67 24.16
CA SER B 96 13.72 -31.32 24.59
C SER B 96 12.56 -30.93 23.68
N MET B 97 12.53 -29.65 23.28
CA MET B 97 11.50 -29.15 22.38
C MET B 97 11.61 -29.78 20.99
N ILE B 98 12.84 -29.89 20.47
CA ILE B 98 13.05 -30.46 19.16
C ILE B 98 12.63 -31.94 19.13
N ARG B 99 12.93 -32.68 20.20
CA ARG B 99 12.48 -34.06 20.28
C ARG B 99 10.96 -34.15 20.35
N ARG B 100 10.34 -33.21 21.06
CA ARG B 100 8.88 -33.17 21.12
C ARG B 100 8.26 -32.89 19.76
N LEU B 101 8.85 -31.96 19.00
CA LEU B 101 8.34 -31.67 17.67
C LEU B 101 8.53 -32.85 16.74
N SER B 102 9.63 -33.58 16.88
CA SER B 102 9.83 -34.78 16.07
C SER B 102 8.74 -35.81 16.35
N ARG B 103 8.28 -35.89 17.60
CA ARG B 103 7.20 -36.80 17.91
C ARG B 103 5.88 -36.30 17.32
N LEU B 104 5.65 -35.00 17.37
CA LEU B 104 4.39 -34.45 16.90
C LEU B 104 4.33 -34.34 15.38
N PHE B 105 5.48 -34.18 14.72
CA PHE B 105 5.52 -34.16 13.26
C PHE B 105 5.48 -35.55 12.64
N ASP B 106 5.82 -36.58 13.42
CA ASP B 106 5.82 -37.97 12.99
C ASP B 106 4.57 -38.32 12.18
N GLY B 107 4.78 -38.75 10.93
CA GLY B 107 3.70 -39.20 10.09
C GLY B 107 2.76 -38.11 9.62
N GLN B 108 3.11 -36.85 9.86
CA GLN B 108 2.28 -35.72 9.47
C GLN B 108 2.92 -34.89 8.37
N TRP B 109 4.13 -35.24 7.92
CA TRP B 109 4.87 -34.44 6.94
C TRP B 109 4.04 -34.08 5.72
N GLY B 110 3.99 -32.79 5.41
CA GLY B 110 3.28 -32.32 4.23
C GLY B 110 1.78 -32.27 4.35
N LYS B 111 1.19 -32.73 5.46
CA LYS B 111 -0.26 -32.76 5.56
C LYS B 111 -0.84 -31.37 5.75
N LEU B 112 -2.08 -31.20 5.30
CA LEU B 112 -2.86 -30.05 5.73
C LEU B 112 -3.13 -30.16 7.22
N SER B 113 -2.90 -29.08 7.97
CA SER B 113 -3.20 -29.09 9.40
C SER B 113 -4.67 -28.70 9.62
N LYS B 114 -5.12 -28.84 10.87
CA LYS B 114 -6.45 -28.39 11.23
C LYS B 114 -6.64 -26.90 10.97
N LEU B 115 -5.61 -26.09 11.23
CA LEU B 115 -5.66 -24.69 10.83
C LEU B 115 -5.86 -24.56 9.32
N GLY B 116 -5.19 -25.41 8.53
CA GLY B 116 -5.36 -25.36 7.08
C GLY B 116 -6.79 -25.62 6.64
N GLU B 117 -7.43 -26.64 7.24
CA GLU B 117 -8.84 -26.92 6.93
C GLU B 117 -9.73 -25.77 7.36
N THR B 118 -9.48 -25.22 8.55
CA THR B 118 -10.21 -24.07 9.04
C THR B 118 -10.06 -22.88 8.09
N GLU B 119 -8.87 -22.66 7.57
CA GLU B 119 -8.69 -21.55 6.63
C GLU B 119 -9.53 -21.75 5.37
N GLN B 120 -9.49 -22.95 4.80
CA GLN B 120 -10.29 -23.21 3.61
C GLN B 120 -11.78 -23.09 3.90
N GLU B 121 -12.22 -23.56 5.07
CA GLU B 121 -13.64 -23.46 5.40
C GLU B 121 -14.06 -22.01 5.50
N GLY B 122 -13.20 -21.17 6.11
CA GLY B 122 -13.48 -19.74 6.18
C GLY B 122 -13.60 -19.08 4.82
N ILE B 123 -12.70 -19.40 3.89
CA ILE B 123 -12.73 -18.76 2.57
C ILE B 123 -13.99 -19.17 1.81
N ALA B 124 -14.30 -20.47 1.81
CA ALA B 124 -15.53 -20.94 1.17
C ALA B 124 -16.77 -20.36 1.85
N GLY B 125 -16.76 -20.31 3.18
CA GLY B 125 -17.93 -19.83 3.90
C GLY B 125 -18.23 -18.36 3.68
N ARG B 126 -17.18 -17.54 3.60
CA ARG B 126 -17.39 -16.13 3.27
C ARG B 126 -17.84 -15.95 1.82
N MET B 127 -17.28 -16.74 0.90
CA MET B 127 -17.76 -16.74 -0.48
C MET B 127 -19.25 -17.04 -0.56
N ILE B 128 -19.69 -18.13 0.08
CA ILE B 128 -21.10 -18.50 0.02
C ILE B 128 -21.96 -17.42 0.66
N ARG B 129 -21.47 -16.83 1.75
CA ARG B 129 -22.29 -15.83 2.45
C ARG B 129 -22.31 -14.51 1.70
N ASN B 130 -21.24 -14.17 0.99
CA ASN B 130 -21.22 -12.91 0.25
C ASN B 130 -22.01 -13.01 -1.04
N TYR B 131 -21.99 -14.16 -1.70
CA TYR B 131 -22.63 -14.34 -2.99
C TYR B 131 -23.57 -15.54 -2.94
N PRO B 132 -24.64 -15.46 -2.14
CA PRO B 132 -25.52 -16.62 -1.98
C PRO B 132 -26.25 -17.00 -3.25
N GLN B 133 -26.69 -16.00 -4.03
CA GLN B 133 -27.46 -16.30 -5.24
C GLN B 133 -26.64 -17.10 -6.22
N LEU B 134 -25.34 -16.85 -6.28
CA LEU B 134 -24.47 -17.57 -7.21
C LEU B 134 -24.49 -19.06 -6.93
N PHE B 135 -24.58 -19.45 -5.66
CA PHE B 135 -24.46 -20.85 -5.28
C PHE B 135 -25.79 -21.44 -4.79
N SER B 136 -26.91 -20.92 -5.26
CA SER B 136 -28.21 -21.41 -4.84
C SER B 136 -28.77 -22.37 -5.89
N ASN B 137 -29.91 -22.97 -5.55
CA ASN B 137 -30.63 -23.94 -6.41
C ASN B 137 -29.63 -25.02 -6.83
N SER B 138 -29.59 -25.38 -8.11
CA SER B 138 -28.67 -26.39 -8.61
C SER B 138 -27.52 -25.76 -9.38
N ALA B 139 -26.83 -24.81 -8.75
CA ALA B 139 -25.66 -24.22 -9.40
C ALA B 139 -24.58 -25.28 -9.56
N LYS B 140 -23.80 -25.13 -10.63
CA LYS B 140 -22.74 -26.05 -11.02
C LYS B 140 -21.38 -25.44 -10.70
N ILE B 141 -20.52 -26.23 -10.07
CA ILE B 141 -19.16 -25.81 -9.78
C ILE B 141 -18.23 -26.94 -10.17
N GLU B 142 -17.00 -26.55 -10.52
CA GLU B 142 -15.92 -27.49 -10.78
C GLU B 142 -14.69 -27.07 -9.99
N ALA B 143 -13.97 -28.07 -9.46
CA ALA B 143 -12.73 -27.81 -8.74
C ALA B 143 -11.67 -28.79 -9.22
N ILE B 144 -10.42 -28.30 -9.28
CA ILE B 144 -9.28 -29.11 -9.64
C ILE B 144 -8.16 -28.90 -8.62
N ALA B 145 -7.30 -29.90 -8.50
CA ALA B 145 -6.18 -29.79 -7.57
C ALA B 145 -4.99 -30.52 -8.20
N THR B 146 -3.81 -30.29 -7.64
CA THR B 146 -2.66 -31.04 -8.11
C THR B 146 -2.71 -32.45 -7.52
N TYR B 147 -1.67 -33.24 -7.81
CA TYR B 147 -1.58 -34.57 -7.24
C TYR B 147 -1.16 -34.59 -5.77
N VAL B 148 -0.70 -33.47 -5.23
CA VAL B 148 -0.16 -33.44 -3.87
C VAL B 148 -1.30 -33.61 -2.86
N PRO B 149 -1.16 -34.51 -1.88
CA PRO B 149 -2.27 -34.74 -0.94
C PRO B 149 -2.83 -33.49 -0.27
N ARG B 150 -1.98 -32.58 0.22
CA ARG B 150 -2.49 -31.40 0.89
C ARG B 150 -3.28 -30.46 -0.03
N SER B 151 -3.05 -30.51 -1.35
CA SER B 151 -3.89 -29.68 -2.21
C SER B 151 -5.23 -30.37 -2.47
N ILE B 152 -5.27 -31.70 -2.48
CA ILE B 152 -6.54 -32.42 -2.57
C ILE B 152 -7.35 -32.27 -1.27
N ASN B 153 -6.69 -32.38 -0.12
CA ASN B 153 -7.34 -32.10 1.15
C ASN B 153 -7.87 -30.67 1.24
N SER B 154 -7.11 -29.69 0.74
CA SER B 154 -7.63 -28.33 0.74
C SER B 154 -8.88 -28.22 -0.12
N MET B 155 -8.88 -28.85 -1.29
CA MET B 155 -10.04 -28.72 -2.16
C MET B 155 -11.26 -29.36 -1.50
N ASP B 156 -11.05 -30.49 -0.80
CA ASP B 156 -12.15 -31.19 -0.14
C ASP B 156 -12.66 -30.45 1.10
N ALA B 157 -11.77 -29.81 1.87
CA ALA B 157 -12.25 -28.92 2.94
C ALA B 157 -13.12 -27.82 2.38
N PHE B 158 -12.73 -27.27 1.23
CA PHE B 158 -13.48 -26.19 0.60
C PHE B 158 -14.82 -26.71 0.06
N LEU B 159 -14.78 -27.78 -0.73
CA LEU B 159 -16.01 -28.32 -1.32
C LEU B 159 -16.99 -28.81 -0.25
N SER B 160 -16.49 -29.43 0.82
CA SER B 160 -17.38 -29.95 1.86
C SER B 160 -18.20 -28.83 2.46
N CYS B 161 -17.55 -27.71 2.75
CA CYS B 161 -18.24 -26.51 3.18
C CYS B 161 -19.33 -26.11 2.18
N MET B 162 -18.98 -26.04 0.89
CA MET B 162 -19.93 -25.68 -0.16
C MET B 162 -21.13 -26.61 -0.14
N ILE B 163 -20.87 -27.92 -0.13
CA ILE B 163 -21.96 -28.89 -0.23
C ILE B 163 -22.81 -28.87 1.02
N ARG B 164 -22.19 -28.69 2.19
CA ARG B 164 -22.99 -28.64 3.42
C ARG B 164 -23.93 -27.45 3.41
N HIS B 165 -23.49 -26.31 2.84
CA HIS B 165 -24.37 -25.14 2.73
C HIS B 165 -25.47 -25.36 1.70
N ASN B 166 -25.16 -25.94 0.55
CA ASN B 166 -26.19 -26.26 -0.45
C ASN B 166 -25.95 -27.65 -1.06
N PRO B 167 -26.63 -28.68 -0.55
CA PRO B 167 -26.44 -30.03 -1.12
C PRO B 167 -26.92 -30.16 -2.56
N ALA B 168 -27.75 -29.25 -3.04
CA ALA B 168 -28.26 -29.33 -4.41
C ALA B 168 -27.25 -28.86 -5.45
N LEU B 169 -26.07 -28.40 -5.05
CA LEU B 169 -25.01 -28.07 -6.00
C LEU B 169 -24.65 -29.28 -6.86
N GLN B 170 -24.27 -29.01 -8.11
CA GLN B 170 -23.67 -30.02 -8.99
C GLN B 170 -22.17 -29.80 -9.00
N VAL B 171 -21.40 -30.86 -8.70
CA VAL B 171 -19.99 -30.68 -8.41
C VAL B 171 -19.17 -31.58 -9.31
N GLN B 172 -18.15 -31.03 -9.95
CA GLN B 172 -17.13 -31.86 -10.56
C GLN B 172 -15.80 -31.61 -9.87
N ARG B 173 -15.21 -32.71 -9.39
CA ARG B 173 -13.99 -32.70 -8.60
C ARG B 173 -12.97 -33.56 -9.31
N SER B 174 -11.84 -32.99 -9.70
CA SER B 174 -10.78 -33.79 -10.28
C SER B 174 -9.41 -33.24 -9.88
N GLU B 175 -8.38 -34.04 -10.12
CA GLU B 175 -7.06 -33.63 -9.66
C GLU B 175 -6.02 -34.58 -10.25
N GLY B 176 -4.75 -34.14 -10.20
CA GLY B 176 -3.63 -34.99 -10.53
C GLY B 176 -2.65 -34.34 -11.48
N LYS B 177 -1.70 -35.15 -11.94
CA LYS B 177 -0.62 -34.70 -12.80
C LYS B 177 -1.10 -34.17 -14.14
N GLN B 178 -2.31 -34.53 -14.59
CA GLN B 178 -2.80 -33.99 -15.84
C GLN B 178 -2.90 -32.47 -15.83
N TYR B 179 -2.96 -31.86 -14.64
CA TYR B 179 -3.01 -30.41 -14.51
C TYR B 179 -1.65 -29.79 -14.24
N ASN B 180 -0.56 -30.56 -14.32
CA ASN B 180 0.76 -29.99 -14.08
C ASN B 180 1.02 -28.79 -14.99
N HIS B 181 0.44 -28.80 -16.19
CA HIS B 181 0.77 -27.75 -17.15
C HIS B 181 0.17 -26.41 -16.77
N ILE B 182 -0.91 -26.39 -15.99
CA ILE B 182 -1.47 -25.14 -15.50
C ILE B 182 -1.26 -24.91 -14.02
N LEU B 183 -1.04 -25.97 -13.22
CA LEU B 183 -0.87 -25.76 -11.78
C LEU B 183 0.55 -26.00 -11.28
N ARG B 184 1.40 -26.66 -12.05
CA ARG B 184 2.78 -26.91 -11.67
C ARG B 184 3.71 -26.57 -12.83
N PHE B 185 3.44 -25.44 -13.52
CA PHE B 185 4.25 -25.08 -14.69
C PHE B 185 5.72 -24.92 -14.31
N PHE B 186 6.01 -24.62 -13.05
CA PHE B 186 7.39 -24.46 -12.57
C PHE B 186 8.17 -25.77 -12.56
N ASP B 187 7.51 -26.91 -12.71
CA ASP B 187 8.18 -28.20 -12.81
C ASP B 187 8.43 -28.62 -14.26
N LEU B 188 7.81 -27.92 -15.22
CA LEU B 188 7.78 -28.34 -16.61
C LEU B 188 8.73 -27.58 -17.51
N ASN B 189 8.98 -26.30 -17.25
CA ASN B 189 9.83 -25.51 -18.11
C ASN B 189 11.29 -25.79 -17.78
N LYS B 190 12.03 -26.32 -18.77
CA LYS B 190 13.42 -26.68 -18.55
C LYS B 190 14.30 -25.45 -18.32
N SER B 191 14.02 -24.33 -19.02
CA SER B 191 14.80 -23.12 -18.78
C SER B 191 14.62 -22.64 -17.35
N TYR B 192 13.37 -22.61 -16.87
CA TYR B 192 13.13 -22.17 -15.50
C TYR B 192 13.74 -23.11 -14.47
N VAL B 193 13.61 -24.43 -14.68
CA VAL B 193 14.15 -25.38 -13.71
C VAL B 193 15.65 -25.19 -13.53
N ASN B 194 16.38 -25.02 -14.66
CA ASN B 194 17.81 -24.75 -14.57
C ASN B 194 18.09 -23.43 -13.87
N TYR B 195 17.26 -22.42 -14.12
CA TYR B 195 17.39 -21.17 -13.39
C TYR B 195 17.18 -21.36 -11.90
N LYS B 196 16.13 -22.09 -11.52
CA LYS B 196 15.84 -22.29 -10.10
C LYS B 196 17.03 -22.95 -9.40
N GLU B 197 17.57 -24.01 -10.00
CA GLU B 197 18.61 -24.81 -9.36
C GLU B 197 19.98 -24.15 -9.40
N LYS B 198 20.35 -23.51 -10.51
CA LYS B 198 21.70 -22.97 -10.62
C LYS B 198 21.73 -21.64 -11.38
N GLY B 199 20.71 -20.82 -11.17
CA GLY B 199 20.67 -19.52 -11.83
C GLY B 199 21.55 -18.48 -11.15
N ASP B 200 21.70 -17.35 -11.84
CA ASP B 200 22.49 -16.24 -11.32
C ASP B 200 21.87 -15.59 -10.09
N TRP B 201 20.64 -15.97 -9.71
CA TRP B 201 20.07 -15.44 -8.48
C TRP B 201 20.75 -16.07 -7.27
N LEU B 202 21.36 -17.24 -7.44
CA LEU B 202 21.95 -17.97 -6.32
C LEU B 202 23.11 -17.23 -5.68
N PRO B 203 24.13 -16.77 -6.42
CA PRO B 203 25.21 -16.01 -5.75
C PRO B 203 24.72 -14.78 -5.03
N ILE B 204 23.62 -14.18 -5.49
CA ILE B 204 23.08 -13.00 -4.85
C ILE B 204 22.41 -13.36 -3.54
N TYR B 205 21.64 -14.43 -3.53
CA TYR B 205 20.98 -14.87 -2.30
C TYR B 205 22.01 -15.25 -1.25
N LYS B 206 23.03 -16.00 -1.63
CA LYS B 206 24.04 -16.46 -0.68
C LYS B 206 24.80 -15.29 -0.06
N ALA B 207 25.23 -14.34 -0.90
CA ALA B 207 25.95 -13.17 -0.40
C ALA B 207 25.06 -12.29 0.47
N PHE B 208 23.76 -12.29 0.23
CA PHE B 208 22.83 -11.53 1.06
C PHE B 208 22.66 -12.19 2.43
N VAL B 209 22.53 -13.51 2.45
CA VAL B 209 22.44 -14.23 3.72
C VAL B 209 23.69 -13.98 4.56
N HIS B 210 24.87 -14.13 3.95
CA HIS B 210 26.10 -13.94 4.70
C HIS B 210 26.18 -12.56 5.33
N LYS B 211 25.57 -11.56 4.70
CA LYS B 211 25.59 -10.22 5.24
C LYS B 211 24.50 -9.99 6.30
N LYS B 212 23.36 -10.69 6.18
CA LYS B 212 22.24 -10.40 7.05
C LYS B 212 22.18 -11.28 8.29
N ILE B 213 22.72 -12.50 8.25
CA ILE B 213 22.60 -13.46 9.34
C ILE B 213 23.94 -13.61 10.04
N SER B 214 23.99 -13.25 11.33
CA SER B 214 25.15 -13.50 12.18
C SER B 214 24.91 -14.73 13.03
N PRO B 215 25.51 -15.88 12.72
CA PRO B 215 25.14 -17.11 13.44
C PRO B 215 25.67 -17.18 14.86
N VAL B 216 26.89 -16.67 15.11
CA VAL B 216 27.50 -16.91 16.42
C VAL B 216 26.67 -16.41 17.58
N PRO B 217 26.01 -15.24 17.54
CA PRO B 217 25.22 -14.86 18.72
C PRO B 217 24.11 -15.86 19.02
N ILE B 218 23.48 -16.42 17.99
CA ILE B 218 22.40 -17.37 18.22
C ILE B 218 22.94 -18.66 18.82
N MET B 219 24.07 -19.15 18.30
CA MET B 219 24.62 -20.41 18.77
C MET B 219 25.08 -20.30 20.23
N LYS B 220 25.53 -19.11 20.64
CA LYS B 220 25.88 -18.87 22.04
C LYS B 220 24.73 -19.22 22.97
N LYS B 221 23.51 -18.91 22.57
CA LYS B 221 22.34 -19.20 23.39
C LYS B 221 22.33 -20.68 23.81
N PHE B 222 22.70 -21.58 22.90
CA PHE B 222 22.46 -23.00 23.08
C PHE B 222 23.71 -23.85 23.27
N LEU B 223 24.87 -23.38 22.82
CA LEU B 223 26.10 -24.17 22.86
C LEU B 223 27.14 -23.47 23.72
N LEU B 224 27.99 -24.26 24.37
CA LEU B 224 29.00 -23.68 25.27
C LEU B 224 30.17 -23.08 24.49
N ASN B 225 30.67 -23.80 23.48
CA ASN B 225 31.77 -23.31 22.65
C ASN B 225 31.32 -23.46 21.20
N PRO B 226 30.51 -22.53 20.70
CA PRO B 226 30.15 -22.57 19.27
C PRO B 226 31.34 -22.46 18.37
N GLU B 227 32.48 -21.99 18.88
CA GLU B 227 33.72 -21.87 18.12
C GLU B 227 34.33 -23.26 17.99
N GLN B 228 33.86 -24.00 17.00
CA GLN B 228 34.43 -25.27 16.58
C GLN B 228 33.73 -25.68 15.29
N TYR B 229 32.56 -25.09 15.06
CA TYR B 229 31.80 -25.33 13.85
C TYR B 229 32.32 -24.44 12.72
N LEU B 230 32.49 -25.03 11.55
CA LEU B 230 32.95 -24.32 10.37
C LEU B 230 31.98 -23.20 10.03
N ASP B 231 32.22 -21.99 10.55
CA ASP B 231 31.48 -20.77 10.30
C ASP B 231 30.45 -20.86 9.16
N LYS B 232 30.87 -21.38 8.00
CA LYS B 232 29.96 -21.64 6.90
C LYS B 232 29.10 -22.88 7.12
N GLU B 233 28.98 -23.31 8.37
CA GLU B 233 28.15 -24.43 8.79
C GLU B 233 27.37 -24.12 10.06
N ALA B 234 27.84 -23.14 10.85
CA ALA B 234 26.95 -22.46 11.79
C ALA B 234 25.77 -21.83 11.06
N GLU B 235 26.00 -21.32 9.84
CA GLU B 235 24.91 -20.69 9.09
C GLU B 235 23.81 -21.68 8.76
N GLU B 236 24.17 -22.94 8.52
CA GLU B 236 23.16 -23.94 8.24
C GLU B 236 22.30 -24.23 9.46
N PHE B 237 22.90 -24.27 10.65
CA PHE B 237 22.13 -24.57 11.85
C PHE B 237 21.13 -23.47 12.15
N VAL B 238 21.56 -22.21 12.06
CA VAL B 238 20.66 -21.12 12.37
C VAL B 238 19.55 -21.02 11.33
N MET B 239 19.88 -21.23 10.05
CA MET B 239 18.82 -21.20 9.03
C MET B 239 17.84 -22.35 9.24
N ALA B 240 18.34 -23.50 9.70
CA ALA B 240 17.44 -24.63 9.94
C ALA B 240 16.54 -24.35 11.13
N LEU B 241 17.09 -23.72 12.18
CA LEU B 241 16.28 -23.42 13.35
C LEU B 241 15.21 -22.38 13.03
N PHE B 242 15.60 -21.33 12.30
CA PHE B 242 14.63 -20.37 11.76
C PHE B 242 13.52 -21.07 10.98
N SER B 243 13.91 -22.03 10.16
CA SER B 243 12.92 -22.74 9.35
C SER B 243 11.95 -23.50 10.23
N VAL B 244 12.46 -24.24 11.23
CA VAL B 244 11.61 -24.98 12.16
C VAL B 244 10.65 -24.03 12.88
N ALA B 245 11.17 -22.89 13.36
CA ALA B 245 10.33 -21.99 14.12
C ALA B 245 9.29 -21.31 13.24
N ALA B 246 9.62 -21.05 11.97
CA ALA B 246 8.70 -20.34 11.08
C ALA B 246 7.46 -21.17 10.74
N ILE B 247 7.57 -22.51 10.74
CA ILE B 247 6.44 -23.35 10.33
C ILE B 247 5.54 -23.76 11.48
N LEU B 248 6.00 -23.66 12.73
CA LEU B 248 5.23 -24.15 13.87
C LEU B 248 3.82 -23.58 13.96
N PRO B 249 3.58 -22.29 13.71
CA PRO B 249 2.20 -21.78 13.80
C PRO B 249 1.25 -22.32 12.72
N ASP B 250 1.75 -22.93 11.66
CA ASP B 250 0.83 -23.49 10.68
C ASP B 250 0.39 -24.90 11.02
N THR B 251 0.92 -25.49 12.07
CA THR B 251 0.72 -26.91 12.33
C THR B 251 -0.36 -27.22 13.36
N SER B 252 -1.00 -26.21 13.95
CA SER B 252 -2.02 -26.38 14.98
C SER B 252 -1.48 -27.06 16.25
N ILE B 253 -0.18 -27.00 16.50
CA ILE B 253 0.40 -27.55 17.72
C ILE B 253 0.57 -26.41 18.73
N PRO B 254 0.14 -26.59 19.97
CA PRO B 254 0.21 -25.54 20.99
C PRO B 254 1.63 -25.30 21.54
N LEU B 255 2.60 -25.21 20.64
CA LEU B 255 3.98 -24.84 20.94
C LEU B 255 4.42 -23.71 20.02
N ASN B 256 5.37 -22.90 20.48
CA ASN B 256 5.78 -21.72 19.73
C ASN B 256 7.22 -21.37 20.08
N LEU B 257 8.05 -21.15 19.06
CA LEU B 257 9.46 -20.88 19.25
C LEU B 257 9.85 -19.48 18.79
N GLU B 258 8.90 -18.54 18.79
CA GLU B 258 9.20 -17.21 18.29
C GLU B 258 10.29 -16.52 19.13
N ASP B 259 10.33 -16.79 20.43
CA ASP B 259 11.25 -16.16 21.36
C ASP B 259 12.66 -16.74 21.29
N LEU B 260 12.93 -17.67 20.39
CA LEU B 260 14.32 -18.10 20.22
C LEU B 260 15.18 -16.99 19.67
N PHE B 261 14.60 -16.08 18.89
CA PHE B 261 15.32 -15.02 18.20
C PHE B 261 14.69 -13.68 18.56
N THR B 262 15.50 -12.63 18.49
CA THR B 262 15.01 -11.27 18.70
C THR B 262 14.13 -10.84 17.54
N LEU B 263 13.31 -9.82 17.78
CA LEU B 263 12.52 -9.27 16.70
C LEU B 263 13.40 -8.80 15.55
N ASP B 264 14.57 -8.23 15.85
CA ASP B 264 15.45 -7.82 14.76
C ASP B 264 16.02 -9.02 14.01
N GLU B 265 16.37 -10.10 14.73
CA GLU B 265 16.83 -11.30 14.02
C GLU B 265 15.75 -11.84 13.09
N TRP B 266 14.49 -11.83 13.55
CA TRP B 266 13.40 -12.31 12.70
C TRP B 266 13.23 -11.42 11.48
N HIS B 267 13.44 -10.12 11.66
CA HIS B 267 13.32 -9.17 10.56
C HIS B 267 14.35 -9.49 9.47
N ARG B 268 15.60 -9.76 9.88
CA ARG B 268 16.66 -10.03 8.92
C ARG B 268 16.48 -11.39 8.26
N TYR B 269 16.01 -12.38 9.01
CA TYR B 269 15.74 -13.68 8.42
C TYR B 269 14.67 -13.55 7.34
N TRP B 270 13.59 -12.82 7.65
CA TRP B 270 12.55 -12.60 6.65
C TRP B 270 13.09 -11.91 5.41
N GLN B 271 13.97 -10.93 5.58
CA GLN B 271 14.52 -10.22 4.41
C GLN B 271 15.22 -11.19 3.46
N THR B 272 16.01 -12.10 4.01
CA THR B 272 16.72 -13.07 3.16
C THR B 272 15.73 -13.97 2.42
N GLN B 273 14.66 -14.40 3.09
CA GLN B 273 13.77 -15.34 2.43
C GLN B 273 12.84 -14.64 1.45
N ASN B 274 12.48 -13.39 1.75
CA ASN B 274 11.73 -12.56 0.81
C ASN B 274 12.51 -12.34 -0.47
N LEU B 275 13.81 -12.00 -0.35
CA LEU B 275 14.65 -11.90 -1.53
C LEU B 275 14.69 -13.23 -2.30
N ARG B 276 14.80 -14.35 -1.57
CA ARG B 276 14.78 -15.66 -2.23
C ARG B 276 13.53 -15.85 -3.08
N GLN B 277 12.36 -15.62 -2.49
CA GLN B 277 11.12 -15.76 -3.25
C GLN B 277 11.07 -14.80 -4.45
N TYR B 278 11.43 -13.54 -4.22
CA TYR B 278 11.38 -12.53 -5.29
C TYR B 278 12.24 -12.92 -6.48
N MET B 279 13.47 -13.35 -6.22
CA MET B 279 14.42 -13.65 -7.30
C MET B 279 14.18 -15.00 -7.95
N SER B 280 13.69 -16.00 -7.21
CA SER B 280 13.50 -17.32 -7.79
C SER B 280 12.13 -17.50 -8.43
N LYS B 281 11.14 -16.72 -8.01
CA LYS B 281 9.77 -16.96 -8.44
C LYS B 281 9.05 -15.74 -8.99
N SER B 282 9.62 -14.54 -8.87
CA SER B 282 8.89 -13.35 -9.31
C SER B 282 9.72 -12.52 -10.27
N SER B 283 9.47 -11.21 -10.31
CA SER B 283 9.88 -10.33 -11.39
C SER B 283 11.27 -9.70 -11.19
N ALA B 284 12.14 -10.31 -10.39
CA ALA B 284 13.50 -9.80 -10.19
C ALA B 284 14.23 -9.61 -11.53
N PRO B 285 14.88 -8.46 -11.75
CA PRO B 285 15.68 -8.28 -12.98
C PRO B 285 16.65 -9.42 -13.26
N VAL B 286 17.27 -10.00 -12.23
CA VAL B 286 18.20 -11.11 -12.47
C VAL B 286 17.50 -12.28 -13.15
N GLY B 287 16.19 -12.44 -12.94
CA GLY B 287 15.46 -13.52 -13.58
C GLY B 287 14.93 -13.22 -14.95
N LYS B 288 15.03 -11.95 -15.38
CA LYS B 288 14.57 -11.49 -16.69
C LYS B 288 13.14 -11.96 -17.00
N MET B 289 12.27 -11.94 -15.99
CA MET B 289 10.87 -12.35 -16.07
C MET B 289 10.63 -13.81 -16.48
N LEU B 290 11.67 -14.62 -16.62
CA LEU B 290 11.47 -16.05 -16.78
C LEU B 290 10.65 -16.70 -15.65
N PRO B 291 10.85 -16.37 -14.37
CA PRO B 291 10.00 -17.00 -13.35
C PRO B 291 8.54 -16.63 -13.49
N VAL B 292 8.23 -15.48 -14.08
CA VAL B 292 6.85 -15.02 -14.19
C VAL B 292 6.21 -15.52 -15.47
N ALA B 293 6.99 -15.58 -16.56
CA ALA B 293 6.44 -15.89 -17.87
C ALA B 293 5.88 -17.32 -17.92
N ILE B 294 6.48 -18.25 -17.19
CA ILE B 294 6.03 -19.64 -17.19
C ILE B 294 4.58 -19.79 -16.77
N ALA B 295 4.02 -18.79 -16.09
CA ALA B 295 2.64 -18.89 -15.63
C ALA B 295 1.60 -18.58 -16.70
N TRP B 296 2.01 -18.26 -17.92
CA TRP B 296 1.02 -17.87 -18.91
C TRP B 296 -0.01 -18.94 -19.22
N PRO B 297 0.29 -20.24 -19.17
CA PRO B 297 -0.81 -21.21 -19.41
C PRO B 297 -1.93 -21.09 -18.39
N LEU B 298 -1.61 -20.80 -17.13
CA LEU B 298 -2.66 -20.67 -16.13
C LEU B 298 -3.50 -19.39 -16.34
N LEU B 299 -2.87 -18.28 -16.72
CA LEU B 299 -3.66 -17.08 -17.01
C LEU B 299 -4.52 -17.30 -18.27
N SER B 300 -3.98 -17.99 -19.26
CA SER B 300 -4.76 -18.31 -20.44
C SER B 300 -5.93 -19.21 -20.08
N GLU B 301 -5.69 -20.18 -19.20
CA GLU B 301 -6.74 -21.06 -18.72
C GLU B 301 -7.84 -20.30 -17.96
N PHE B 302 -7.46 -19.27 -17.20
CA PHE B 302 -8.42 -18.40 -16.51
C PHE B 302 -9.29 -17.65 -17.50
N ILE B 303 -8.68 -17.06 -18.53
CA ILE B 303 -9.46 -16.32 -19.53
C ILE B 303 -10.39 -17.26 -20.29
N ARG B 304 -9.90 -18.46 -20.61
CA ARG B 304 -10.70 -19.43 -21.37
C ARG B 304 -11.98 -19.81 -20.63
N SER B 305 -11.87 -20.17 -19.35
CA SER B 305 -13.06 -20.60 -18.63
C SER B 305 -14.06 -19.46 -18.47
N ALA B 306 -13.59 -18.24 -18.25
CA ALA B 306 -14.51 -17.11 -18.15
C ALA B 306 -15.23 -16.85 -19.48
N GLN B 307 -14.50 -16.83 -20.59
CA GLN B 307 -15.13 -16.63 -21.89
C GLN B 307 -16.15 -17.72 -22.18
N GLU B 308 -15.84 -18.95 -21.81
CA GLU B 308 -16.78 -20.04 -22.08
C GLU B 308 -18.08 -19.84 -21.32
N VAL B 309 -18.00 -19.27 -20.10
CA VAL B 309 -19.20 -18.97 -19.34
C VAL B 309 -19.94 -17.77 -19.94
N ILE B 310 -19.18 -16.76 -20.37
CA ILE B 310 -19.79 -15.58 -20.98
C ILE B 310 -20.41 -15.95 -22.32
N SER B 311 -19.70 -16.71 -23.14
CA SER B 311 -20.22 -17.12 -24.44
C SER B 311 -21.38 -18.10 -24.31
N GLY B 312 -21.62 -18.66 -23.14
CA GLY B 312 -22.61 -19.70 -22.99
C GLY B 312 -22.14 -21.09 -23.35
N LYS B 313 -20.88 -21.26 -23.77
CA LYS B 313 -20.35 -22.61 -23.99
C LYS B 313 -20.34 -23.42 -22.70
N SER B 314 -20.16 -22.76 -21.56
CA SER B 314 -20.10 -23.42 -20.26
C SER B 314 -21.24 -22.90 -19.39
N ASP B 315 -21.73 -23.76 -18.50
CA ASP B 315 -22.81 -23.40 -17.60
C ASP B 315 -22.35 -23.35 -16.14
N TYR B 316 -21.04 -23.41 -15.90
CA TYR B 316 -20.52 -23.35 -14.54
C TYR B 316 -20.73 -21.98 -13.90
N GLN B 317 -21.04 -21.98 -12.60
CA GLN B 317 -21.07 -20.75 -11.83
C GLN B 317 -19.74 -20.45 -11.16
N ALA B 318 -18.86 -21.45 -11.05
CA ALA B 318 -17.58 -21.23 -10.42
C ALA B 318 -16.60 -22.32 -10.86
N ASN B 319 -15.36 -21.91 -11.09
CA ASN B 319 -14.22 -22.79 -11.29
C ASN B 319 -13.21 -22.55 -10.19
N PHE B 320 -12.88 -23.59 -9.43
CA PHE B 320 -11.92 -23.50 -8.34
C PHE B 320 -10.68 -24.32 -8.67
N ARG B 321 -9.52 -23.82 -8.25
CA ARG B 321 -8.27 -24.53 -8.49
C ARG B 321 -7.42 -24.51 -7.23
N PHE B 322 -6.79 -25.63 -6.90
CA PHE B 322 -5.99 -25.69 -5.68
C PHE B 322 -4.56 -26.11 -6.01
N ALA B 323 -3.59 -25.23 -5.66
CA ALA B 323 -2.19 -25.56 -5.93
C ALA B 323 -1.24 -24.95 -4.89
N HIS B 324 -0.14 -24.34 -5.33
CA HIS B 324 1.00 -24.13 -4.45
C HIS B 324 1.45 -22.67 -4.44
N ASP B 325 2.30 -22.37 -3.45
CA ASP B 325 3.12 -21.15 -3.42
C ASP B 325 3.70 -20.85 -4.80
N ASN B 326 4.32 -21.85 -5.40
CA ASN B 326 5.02 -21.61 -6.65
C ASN B 326 4.07 -21.41 -7.81
N THR B 327 2.77 -21.66 -7.60
CA THR B 327 1.73 -21.34 -8.57
C THR B 327 1.29 -19.89 -8.44
N VAL B 328 0.98 -19.50 -7.20
CA VAL B 328 0.34 -18.21 -6.95
C VAL B 328 1.29 -17.04 -7.24
N ILE B 329 2.55 -17.14 -6.83
CA ILE B 329 3.45 -15.96 -6.90
C ILE B 329 3.65 -15.51 -8.34
N PRO B 330 4.10 -16.38 -9.27
CA PRO B 330 4.21 -15.93 -10.67
C PRO B 330 2.88 -15.58 -11.30
N PHE B 331 1.82 -16.30 -10.95
CA PHE B 331 0.52 -15.98 -11.54
C PHE B 331 0.09 -14.57 -11.19
N VAL B 332 0.29 -14.17 -9.93
CA VAL B 332 -0.07 -12.82 -9.49
C VAL B 332 0.80 -11.78 -10.21
N SER B 333 2.10 -12.04 -10.31
CA SER B 333 2.98 -11.11 -11.03
C SER B 333 2.59 -11.03 -12.50
N LEU B 334 2.23 -12.15 -13.12
CA LEU B 334 1.90 -12.09 -14.53
C LEU B 334 0.62 -11.30 -14.75
N MET B 335 -0.32 -11.39 -13.81
CA MET B 335 -1.53 -10.57 -13.91
C MET B 335 -1.18 -9.09 -13.82
N GLY B 336 -0.07 -8.74 -13.18
CA GLY B 336 0.31 -7.34 -13.03
C GLY B 336 -0.42 -6.57 -11.95
N ILE B 337 -1.06 -7.28 -11.02
CA ILE B 337 -1.62 -6.68 -9.81
C ILE B 337 -0.59 -5.75 -9.20
N GLU B 338 -0.97 -4.49 -8.97
CA GLU B 338 0.01 -3.43 -8.90
C GLU B 338 1.00 -3.71 -7.79
N LYS B 339 2.27 -3.59 -8.16
CA LYS B 339 3.49 -3.69 -7.38
C LYS B 339 4.01 -5.12 -7.29
N THR B 340 3.19 -6.14 -7.63
CA THR B 340 3.65 -7.51 -7.50
C THR B 340 4.63 -7.90 -8.61
N ASP B 341 4.65 -7.14 -9.70
CA ASP B 341 5.58 -7.37 -10.80
C ASP B 341 6.69 -6.32 -10.85
N VAL B 342 7.01 -5.68 -9.72
CA VAL B 342 7.99 -4.59 -9.71
C VAL B 342 9.37 -5.15 -10.01
N GLN B 343 10.17 -4.40 -10.76
CA GLN B 343 11.53 -4.84 -11.06
C GLN B 343 12.52 -3.96 -10.32
N VAL B 344 13.06 -4.48 -9.20
CA VAL B 344 13.94 -3.72 -8.33
C VAL B 344 15.37 -4.20 -8.54
N CYS B 345 16.28 -3.29 -8.86
CA CYS B 345 17.63 -3.72 -9.20
C CYS B 345 18.49 -3.93 -7.95
N ARG B 346 18.34 -3.08 -6.95
CA ARG B 346 19.16 -3.21 -5.76
C ARG B 346 18.53 -4.24 -4.82
N PRO B 347 19.24 -5.33 -4.46
CA PRO B 347 18.60 -6.36 -3.64
C PRO B 347 18.19 -5.88 -2.25
N ASP B 348 18.96 -4.95 -1.68
CA ASP B 348 18.63 -4.41 -0.36
C ASP B 348 17.34 -3.60 -0.38
N SER B 349 16.90 -3.15 -1.56
CA SER B 349 15.68 -2.38 -1.68
C SER B 349 14.44 -3.26 -1.89
N VAL B 350 14.65 -4.55 -2.21
CA VAL B 350 13.51 -5.42 -2.55
C VAL B 350 12.47 -5.40 -1.45
N SER B 351 12.89 -5.58 -0.19
CA SER B 351 11.92 -5.75 0.88
C SER B 351 11.06 -4.51 1.10
N VAL B 352 11.50 -3.35 0.62
CA VAL B 352 10.67 -2.15 0.74
C VAL B 352 9.53 -2.18 -0.26
N TYR B 353 9.75 -2.74 -1.45
CA TYR B 353 8.77 -2.64 -2.53
C TYR B 353 8.01 -3.93 -2.83
N TRP B 354 8.44 -5.07 -2.32
CA TRP B 354 7.81 -6.35 -2.66
C TRP B 354 7.83 -7.26 -1.44
N LYS B 355 6.66 -7.69 -0.97
CA LYS B 355 6.54 -8.38 0.32
C LYS B 355 5.82 -9.72 0.13
N ASP B 356 6.56 -10.81 0.35
CA ASP B 356 6.05 -12.15 0.04
C ASP B 356 4.83 -12.51 0.89
N TYR B 357 4.77 -12.07 2.15
CA TYR B 357 3.62 -12.36 2.99
C TYR B 357 2.37 -11.59 2.58
N GLU B 358 2.49 -10.57 1.75
CA GLU B 358 1.33 -9.86 1.25
C GLU B 358 0.73 -10.51 0.01
N ILE B 359 1.51 -11.31 -0.69
CA ILE B 359 1.07 -11.96 -1.91
C ILE B 359 0.66 -13.40 -1.67
N SER B 360 1.50 -14.13 -0.94
CA SER B 360 1.37 -15.59 -0.80
C SER B 360 1.45 -16.05 0.65
N PRO B 361 0.52 -15.62 1.51
CA PRO B 361 0.43 -16.29 2.82
C PRO B 361 -0.05 -17.72 2.64
N MET B 362 -0.13 -18.48 3.72
CA MET B 362 -0.79 -19.77 3.65
C MET B 362 -2.23 -19.55 3.22
N ALA B 363 -2.73 -20.42 2.31
CA ALA B 363 -4.07 -20.32 1.74
C ALA B 363 -4.28 -19.08 0.86
N ALA B 364 -3.19 -18.46 0.39
CA ALA B 364 -3.27 -17.35 -0.55
C ALA B 364 -4.22 -17.66 -1.69
N ASN B 365 -5.09 -16.72 -2.05
CA ASN B 365 -6.00 -17.06 -3.14
C ASN B 365 -6.35 -15.85 -3.97
N VAL B 366 -6.69 -16.12 -5.24
CA VAL B 366 -7.10 -15.12 -6.20
C VAL B 366 -8.50 -15.49 -6.68
N GLN B 367 -9.40 -14.51 -6.68
CA GLN B 367 -10.77 -14.68 -7.16
C GLN B 367 -11.06 -13.59 -8.16
N TRP B 368 -11.55 -13.98 -9.34
CA TRP B 368 -12.14 -13.05 -10.30
C TRP B 368 -13.65 -13.16 -10.16
N LEU B 369 -14.31 -12.07 -9.85
CA LEU B 369 -15.75 -12.05 -9.72
C LEU B 369 -16.32 -11.30 -10.91
N PHE B 370 -17.24 -11.93 -11.64
CA PHE B 370 -17.78 -11.40 -12.88
C PHE B 370 -19.21 -10.93 -12.66
N TYR B 371 -19.56 -9.77 -13.22
CA TYR B 371 -20.88 -9.19 -13.05
C TYR B 371 -21.40 -8.69 -14.39
N ARG B 372 -22.71 -8.66 -14.53
CA ARG B 372 -23.40 -8.17 -15.71
C ARG B 372 -24.36 -7.08 -15.26
N ASP B 373 -24.14 -5.84 -15.72
CA ASP B 373 -25.04 -4.76 -15.29
C ASP B 373 -26.29 -4.73 -16.18
N ARG B 374 -27.16 -3.75 -15.91
CA ARG B 374 -28.44 -3.65 -16.62
C ARG B 374 -28.25 -3.45 -18.12
N ASP B 375 -27.10 -2.95 -18.53
CA ASP B 375 -26.77 -2.74 -19.93
C ASP B 375 -26.07 -3.94 -20.54
N GLN B 376 -26.08 -5.09 -19.86
CA GLN B 376 -25.45 -6.32 -20.33
C GLN B 376 -23.93 -6.19 -20.48
N ARG B 377 -23.32 -5.14 -19.91
CA ARG B 377 -21.88 -5.02 -19.96
C ARG B 377 -21.26 -5.89 -18.87
N ILE B 378 -20.12 -6.50 -19.16
CA ILE B 378 -19.46 -7.43 -18.25
C ILE B 378 -18.38 -6.70 -17.47
N TRP B 379 -18.42 -6.82 -16.14
CA TRP B 379 -17.40 -6.25 -15.25
C TRP B 379 -16.75 -7.36 -14.45
N VAL B 380 -15.49 -7.16 -14.06
CA VAL B 380 -14.78 -8.12 -13.23
C VAL B 380 -14.10 -7.39 -12.07
N LYS B 381 -14.17 -8.00 -10.89
CA LYS B 381 -13.47 -7.56 -9.69
C LYS B 381 -12.43 -8.61 -9.35
N ILE B 382 -11.20 -8.17 -9.08
CA ILE B 382 -10.09 -9.08 -8.81
C ILE B 382 -9.76 -9.01 -7.33
N LEU B 383 -9.97 -10.11 -6.61
CA LEU B 383 -9.59 -10.19 -5.20
C LEU B 383 -8.28 -10.96 -5.06
N LEU B 384 -7.37 -10.42 -4.25
CA LEU B 384 -6.17 -11.13 -3.83
C LEU B 384 -6.23 -11.26 -2.31
N ASN B 385 -6.37 -12.50 -1.81
CA ASN B 385 -6.59 -12.78 -0.39
C ASN B 385 -7.79 -12.01 0.13
N GLU B 386 -8.84 -12.00 -0.68
CA GLU B 386 -10.17 -11.45 -0.39
C GLU B 386 -10.16 -9.93 -0.23
N GLU B 387 -9.13 -9.24 -0.73
CA GLU B 387 -9.09 -7.78 -0.79
C GLU B 387 -8.98 -7.33 -2.25
N ALA B 388 -9.66 -6.24 -2.59
CA ALA B 388 -9.72 -5.80 -3.98
C ALA B 388 -8.35 -5.37 -4.49
N ALA B 389 -7.99 -5.85 -5.68
CA ALA B 389 -6.67 -5.61 -6.24
C ALA B 389 -6.77 -4.61 -7.40
N ALA B 390 -5.72 -3.82 -7.58
CA ALA B 390 -5.65 -2.84 -8.68
C ALA B 390 -4.83 -3.39 -9.83
N LEU B 391 -5.30 -3.15 -11.04
CA LEU B 391 -4.56 -3.35 -12.28
C LEU B 391 -4.08 -2.00 -12.79
N PRO B 392 -3.00 -1.95 -13.60
CA PRO B 392 -2.54 -0.66 -14.15
C PRO B 392 -3.33 -0.25 -15.40
N ILE B 393 -4.66 -0.26 -15.30
CA ILE B 393 -5.57 0.15 -16.34
C ILE B 393 -6.68 0.96 -15.66
N SER B 394 -7.38 1.77 -16.44
CA SER B 394 -8.33 2.69 -15.83
C SER B 394 -9.71 2.06 -15.67
N THR B 395 -10.42 2.51 -14.64
CA THR B 395 -11.83 2.25 -14.47
C THR B 395 -12.45 3.44 -13.75
N ALA B 396 -13.69 3.77 -14.12
CA ALA B 396 -14.44 4.82 -13.45
C ALA B 396 -15.22 4.31 -12.25
N CYS B 397 -15.07 3.03 -11.90
CA CYS B 397 -15.82 2.43 -10.79
C CYS B 397 -15.00 1.35 -10.11
N PHE B 398 -13.78 1.69 -9.69
CA PHE B 398 -12.95 0.77 -8.92
C PHE B 398 -13.74 0.27 -7.71
N PRO B 399 -13.61 -1.02 -7.34
CA PRO B 399 -12.71 -2.05 -7.85
C PRO B 399 -13.20 -2.85 -9.08
N TYR B 400 -14.27 -2.42 -9.75
CA TYR B 400 -14.79 -3.15 -10.91
C TYR B 400 -14.12 -2.63 -12.19
N TYR B 401 -13.60 -3.54 -12.99
CA TYR B 401 -12.92 -3.22 -14.24
C TYR B 401 -13.75 -3.75 -15.42
N SER B 402 -13.65 -3.07 -16.56
CA SER B 402 -14.27 -3.62 -17.77
C SER B 402 -13.61 -4.95 -18.14
N TRP B 403 -14.42 -5.98 -18.30
CA TRP B 403 -13.87 -7.28 -18.67
C TRP B 403 -13.14 -7.22 -20.01
N GLU B 404 -13.77 -6.61 -21.02
CA GLU B 404 -13.10 -6.43 -22.31
C GLU B 404 -11.75 -5.74 -22.15
N LYS B 405 -11.73 -4.62 -21.43
CA LYS B 405 -10.46 -3.94 -21.17
C LYS B 405 -9.47 -4.87 -20.47
N THR B 406 -9.96 -5.64 -19.49
CA THR B 406 -9.07 -6.47 -18.67
C THR B 406 -8.53 -7.66 -19.47
N ARG B 407 -9.40 -8.30 -20.24
CA ARG B 407 -8.98 -9.43 -21.06
C ARG B 407 -7.91 -9.02 -22.08
N ILE B 408 -8.10 -7.87 -22.73
CA ILE B 408 -7.09 -7.36 -23.67
C ILE B 408 -5.76 -7.18 -22.94
N PHE B 409 -5.80 -6.59 -21.75
CA PHE B 409 -4.59 -6.41 -20.95
C PHE B 409 -3.95 -7.76 -20.61
N PHE B 410 -4.75 -8.73 -20.14
CA PHE B 410 -4.19 -10.04 -19.81
C PHE B 410 -3.64 -10.73 -21.06
N ASN B 411 -4.31 -10.59 -22.21
CA ASN B 411 -3.76 -11.14 -23.45
C ASN B 411 -2.42 -10.50 -23.80
N GLN B 412 -2.27 -9.20 -23.55
CA GLN B 412 -0.95 -8.60 -23.74
C GLN B 412 0.08 -9.18 -22.79
N ARG B 413 -0.30 -9.44 -21.53
CA ARG B 413 0.64 -10.04 -20.58
C ARG B 413 1.09 -11.43 -21.04
N ILE B 414 0.18 -12.20 -21.61
CA ILE B 414 0.53 -13.53 -22.12
C ILE B 414 1.47 -13.42 -23.32
N GLU B 415 1.17 -12.53 -24.27
CA GLU B 415 2.07 -12.30 -25.39
C GLU B 415 3.47 -11.89 -24.92
N MET B 416 3.54 -11.04 -23.89
CA MET B 416 4.84 -10.69 -23.28
C MET B 416 5.53 -11.94 -22.73
N ALA B 417 4.79 -12.76 -21.97
CA ALA B 417 5.33 -14.01 -21.45
C ALA B 417 5.83 -14.92 -22.57
N LYS B 418 5.05 -15.07 -23.63
CA LYS B 418 5.48 -15.91 -24.76
C LYS B 418 6.73 -15.37 -25.40
N LYS B 419 6.85 -14.04 -25.52
CA LYS B 419 8.07 -13.43 -26.05
C LYS B 419 9.26 -13.68 -25.14
N THR B 420 9.04 -13.64 -23.82
CA THR B 420 10.14 -13.96 -22.91
C THR B 420 10.57 -15.42 -23.05
N LEU B 421 9.61 -16.34 -23.16
CA LEU B 421 9.97 -17.75 -23.26
C LEU B 421 10.58 -18.12 -24.61
N SER B 422 10.44 -17.28 -25.63
CA SER B 422 11.14 -17.58 -26.88
C SER B 422 12.61 -17.18 -26.79
N VAL B 423 12.93 -16.22 -25.94
CA VAL B 423 14.33 -15.83 -25.77
C VAL B 423 15.07 -16.88 -24.92
N PHE B 424 14.40 -17.46 -23.95
CA PHE B 424 14.98 -18.55 -23.16
C PHE B 424 14.60 -19.92 -23.70
N ASN B 425 14.04 -19.97 -24.92
CA ASN B 425 13.58 -21.24 -25.48
C ASN B 425 14.72 -22.23 -25.61
N GLU B 426 15.90 -21.78 -26.01
CA GLU B 426 17.10 -22.61 -26.15
C GLU B 426 17.29 -23.60 -25.00
P PO4 C . -10.26 2.67 7.52
O1 PO4 C . -11.31 1.68 7.95
O2 PO4 C . -9.56 2.19 6.28
O3 PO4 C . -10.99 3.96 7.26
O4 PO4 C . -9.26 2.84 8.62
P PO4 D . 11.68 -4.02 5.33
O1 PO4 D . 10.83 -5.11 4.78
O2 PO4 D . 13.11 -4.33 5.02
O3 PO4 D . 11.23 -2.76 4.65
O4 PO4 D . 11.47 -3.92 6.81
#